data_5B7U
#
_entry.id   5B7U
#
_cell.length_a   78.488
_cell.length_b   62.789
_cell.length_c   171.317
_cell.angle_alpha   90.00
_cell.angle_beta   90.00
_cell.angle_gamma   90.00
#
_symmetry.space_group_name_H-M   'P 21 21 21'
#
loop_
_entity.id
_entity.type
_entity.pdbx_description
1 polymer 'Cysteine desulfurase'
2 non-polymer CYSTEINE
3 non-polymer 'ISOPROPYL ALCOHOL'
4 water water
#
_entity_poly.entity_id   1
_entity_poly.type   'polypeptide(L)'
_entity_poly.pdbx_seq_one_letter_code
;MHHHHHHSSENLYFQGHMASMRIPEDVRKDIPLTNEVIYFDNTATSLTPKPVVEAMDEYYLKYRANVHRGVHRLSQMATH
KYEESRKIVADFIGAKFEEIVFTKNTSESLNLVALGLGHIFKRGDKIVTTPYEHHSDLLPWQRLATKLGLKLEFIEGDDE
GNLDLSDAEKKIKGAKLVAVQHVSNALGVIHEVEELGKIAKDEGAIFVVDAAQSAGHMEVNVKKLHADFLAFSGH(LLP)
GPMGPTGIGVLYIREEFFDTFEPPLIGGGTIEDVSLDGYKLTEPPERFEAGTPNIGGAIGLAAGIRYIERIGLGRIERQE
HKLVKRTTEGLDELEVPWYGPRNLKKHAGVVSFNVPGLHPHDVAAILDDHSIMVRSGHH(CSS)ALPVMKKLGINGTVRA
SFHVYNSLEEVETFLGVMEELVKGLKT
;
_entity_poly.pdbx_strand_id   A,B
#
loop_
_chem_comp.id
_chem_comp.type
_chem_comp.name
_chem_comp.formula
IPA non-polymer 'ISOPROPYL ALCOHOL' 'C3 H8 O'
#
# COMPACT_ATOMS: atom_id res chain seq x y z
N GLY A 16 -0.84 -17.31 20.22
CA GLY A 16 0.16 -17.68 19.24
C GLY A 16 1.10 -18.86 19.59
N HIS A 17 0.52 -19.96 20.01
CA HIS A 17 1.25 -21.15 20.34
C HIS A 17 0.85 -22.21 19.34
N MET A 18 1.70 -23.20 19.15
CA MET A 18 1.39 -24.27 18.27
C MET A 18 0.27 -25.12 18.84
N ALA A 19 -0.49 -25.70 17.96
CA ALA A 19 -1.57 -26.58 18.30
C ALA A 19 -1.30 -27.94 17.70
N SER A 20 -2.00 -28.93 18.18
CA SER A 20 -1.89 -30.24 17.61
C SER A 20 -2.68 -30.18 16.30
N MET A 21 -2.14 -30.70 15.24
CA MET A 21 -2.85 -30.73 13.98
C MET A 21 -2.25 -31.68 12.97
N ARG A 22 -3.05 -32.09 12.03
CA ARG A 22 -2.58 -32.95 11.00
C ARG A 22 -2.13 -32.05 9.86
N ILE A 23 -0.92 -32.21 9.40
CA ILE A 23 -0.40 -31.44 8.28
C ILE A 23 -0.29 -32.40 7.13
N PRO A 24 -0.78 -32.04 5.96
CA PRO A 24 -1.38 -30.74 5.64
C PRO A 24 -2.92 -30.65 5.77
N GLU A 25 -3.55 -31.77 6.04
CA GLU A 25 -5.00 -31.83 6.10
C GLU A 25 -5.72 -30.75 6.82
N ASP A 26 -5.29 -30.46 8.02
CA ASP A 26 -5.92 -29.48 8.87
C ASP A 26 -5.73 -28.05 8.37
N VAL A 27 -4.72 -27.82 7.57
CA VAL A 27 -4.53 -26.52 7.00
C VAL A 27 -5.44 -26.40 5.75
N ARG A 28 -5.45 -27.41 4.92
CA ARG A 28 -6.24 -27.45 3.71
C ARG A 28 -7.73 -27.24 3.96
N LYS A 29 -8.21 -27.67 5.11
CA LYS A 29 -9.59 -27.48 5.49
C LYS A 29 -10.03 -26.01 5.51
N ASP A 30 -9.11 -25.10 5.72
CA ASP A 30 -9.41 -23.70 5.80
C ASP A 30 -9.24 -22.93 4.50
N ILE A 31 -8.86 -23.62 3.46
CA ILE A 31 -8.57 -23.05 2.18
C ILE A 31 -9.32 -23.74 1.06
N PRO A 32 -10.48 -23.21 0.71
CA PRO A 32 -11.30 -23.83 -0.33
C PRO A 32 -10.63 -24.10 -1.66
N LEU A 33 -9.77 -23.23 -2.11
CA LEU A 33 -9.12 -23.48 -3.37
C LEU A 33 -8.34 -24.76 -3.42
N THR A 34 -7.95 -25.27 -2.28
CA THR A 34 -7.15 -26.50 -2.27
C THR A 34 -7.99 -27.67 -2.74
N ASN A 35 -9.30 -27.49 -2.66
CA ASN A 35 -10.23 -28.51 -3.10
C ASN A 35 -10.48 -28.46 -4.60
N GLU A 36 -10.03 -27.40 -5.26
CA GLU A 36 -10.24 -27.14 -6.67
C GLU A 36 -9.03 -27.23 -7.59
N VAL A 37 -7.86 -26.88 -7.11
CA VAL A 37 -6.67 -26.93 -7.89
C VAL A 37 -5.47 -27.37 -7.04
N ILE A 38 -4.39 -27.74 -7.68
CA ILE A 38 -3.16 -28.07 -7.01
C ILE A 38 -2.40 -26.77 -7.20
N TYR A 39 -2.30 -25.99 -6.14
CA TYR A 39 -1.67 -24.66 -6.23
C TYR A 39 -0.19 -24.74 -5.84
N PHE A 40 0.67 -24.68 -6.85
CA PHE A 40 2.13 -24.72 -6.70
C PHE A 40 2.73 -23.41 -7.16
N ASP A 41 2.07 -22.30 -6.87
CA ASP A 41 2.58 -20.98 -7.21
C ASP A 41 2.68 -20.06 -5.98
N ASN A 42 3.12 -20.69 -4.89
CA ASN A 42 3.25 -20.01 -3.59
C ASN A 42 4.27 -18.92 -3.47
N THR A 43 5.26 -18.98 -4.32
CA THR A 43 6.27 -17.95 -4.42
C THR A 43 5.73 -16.67 -4.97
N ALA A 44 4.76 -16.73 -5.89
CA ALA A 44 4.10 -15.59 -6.43
C ALA A 44 3.14 -14.97 -5.39
N THR A 45 2.42 -15.83 -4.70
CA THR A 45 1.55 -15.43 -3.65
C THR A 45 0.95 -16.68 -3.03
N SER A 46 0.66 -16.63 -1.74
CA SER A 46 0.06 -17.79 -1.07
C SER A 46 -1.44 -17.80 -1.20
N LEU A 47 -2.06 -18.92 -0.84
CA LEU A 47 -3.48 -19.00 -0.82
C LEU A 47 -3.81 -18.43 0.57
N THR A 48 -5.03 -18.04 0.80
CA THR A 48 -5.39 -17.39 2.02
C THR A 48 -6.45 -18.15 2.80
N PRO A 49 -6.05 -18.40 4.09
CA PRO A 49 -7.01 -19.17 4.88
C PRO A 49 -8.22 -18.40 5.32
N LYS A 50 -9.33 -19.08 5.47
CA LYS A 50 -10.56 -18.41 5.91
C LYS A 50 -10.46 -17.55 7.15
N PRO A 51 -9.72 -17.97 8.21
CA PRO A 51 -9.56 -17.15 9.42
C PRO A 51 -8.92 -15.83 9.17
N VAL A 52 -8.07 -15.69 8.16
CA VAL A 52 -7.48 -14.43 7.89
C VAL A 52 -8.53 -13.48 7.20
N VAL A 53 -9.27 -14.02 6.27
CA VAL A 53 -10.36 -13.29 5.60
C VAL A 53 -11.39 -12.87 6.65
N GLU A 54 -11.75 -13.76 7.55
CA GLU A 54 -12.69 -13.40 8.66
C GLU A 54 -12.16 -12.29 9.57
N ALA A 55 -10.86 -12.26 9.85
CA ALA A 55 -10.30 -11.20 10.65
C ALA A 55 -10.43 -9.84 9.97
N MET A 56 -10.13 -9.80 8.66
CA MET A 56 -10.30 -8.58 7.86
C MET A 56 -11.77 -8.11 7.77
N ASP A 57 -12.65 -9.06 7.53
CA ASP A 57 -14.06 -8.80 7.44
C ASP A 57 -14.58 -8.21 8.76
N GLU A 58 -14.04 -8.67 9.86
CA GLU A 58 -14.44 -8.17 11.15
C GLU A 58 -14.12 -6.68 11.29
N TYR A 59 -12.96 -6.28 10.80
CA TYR A 59 -12.56 -4.90 10.82
C TYR A 59 -13.57 -4.10 9.97
N TYR A 60 -13.73 -4.52 8.74
CA TYR A 60 -14.59 -3.83 7.80
C TYR A 60 -16.02 -3.70 8.19
N LEU A 61 -16.56 -4.72 8.81
CA LEU A 61 -17.96 -4.70 9.14
C LEU A 61 -18.35 -4.43 10.58
N LYS A 62 -17.39 -4.58 11.48
CA LYS A 62 -17.64 -4.40 12.91
C LYS A 62 -16.89 -3.31 13.68
N TYR A 63 -15.74 -2.84 13.18
CA TYR A 63 -15.05 -1.76 13.87
C TYR A 63 -14.32 -0.83 12.90
N ARG A 64 -14.96 -0.59 11.78
CA ARG A 64 -14.42 0.20 10.71
C ARG A 64 -14.22 1.65 11.11
N ALA A 65 -13.00 2.12 11.04
CA ALA A 65 -12.63 3.48 11.42
C ALA A 65 -11.14 3.74 11.14
N ASN A 66 -10.74 5.00 11.08
CA ASN A 66 -9.36 5.34 10.91
C ASN A 66 -8.68 5.25 12.31
N VAL A 67 -7.37 5.21 12.32
CA VAL A 67 -6.67 5.05 13.57
C VAL A 67 -6.26 6.40 14.13
N HIS A 68 -5.04 6.53 14.59
CA HIS A 68 -4.56 7.80 15.13
C HIS A 68 -5.35 8.27 16.37
N ARG A 69 -5.81 7.32 17.14
CA ARG A 69 -6.52 7.56 18.38
C ARG A 69 -7.63 8.61 18.34
N GLY A 70 -8.55 8.44 17.42
CA GLY A 70 -9.71 9.30 17.30
C GLY A 70 -10.47 9.08 18.60
N VAL A 71 -11.06 10.12 19.07
CA VAL A 71 -11.73 10.02 20.32
C VAL A 71 -12.76 8.92 20.41
N HIS A 72 -13.44 8.62 19.34
CA HIS A 72 -14.54 7.70 19.30
C HIS A 72 -14.25 6.23 19.38
N ARG A 73 -15.19 5.46 19.87
CA ARG A 73 -15.02 4.05 20.09
C ARG A 73 -14.55 3.18 18.95
N LEU A 74 -15.03 3.48 17.79
CA LEU A 74 -14.58 2.72 16.63
C LEU A 74 -13.14 3.01 16.33
N SER A 75 -12.68 4.26 16.41
CA SER A 75 -11.30 4.53 16.16
C SER A 75 -10.44 3.99 17.27
N GLN A 76 -10.95 4.02 18.50
CA GLN A 76 -10.22 3.39 19.60
C GLN A 76 -9.98 1.90 19.34
N MET A 77 -11.00 1.16 18.92
CA MET A 77 -10.86 -0.25 18.62
C MET A 77 -9.94 -0.46 17.40
N ALA A 78 -10.13 0.31 16.33
CA ALA A 78 -9.24 0.13 15.15
C ALA A 78 -7.78 0.42 15.51
N THR A 79 -7.56 1.51 16.23
CA THR A 79 -6.20 1.86 16.72
C THR A 79 -5.61 0.70 17.55
N HIS A 80 -6.37 0.23 18.52
CA HIS A 80 -5.92 -0.94 19.33
C HIS A 80 -5.52 -2.13 18.47
N LYS A 81 -6.37 -2.49 17.49
CA LYS A 81 -6.07 -3.65 16.67
C LYS A 81 -4.88 -3.41 15.74
N TYR A 82 -4.70 -2.18 15.29
CA TYR A 82 -3.59 -1.81 14.45
C TYR A 82 -2.29 -1.98 15.26
N GLU A 83 -2.27 -1.41 16.44
CA GLU A 83 -1.16 -1.52 17.34
C GLU A 83 -0.86 -2.98 17.67
N GLU A 84 -1.88 -3.75 17.96
CA GLU A 84 -1.73 -5.17 18.23
C GLU A 84 -1.05 -5.86 17.04
N SER A 85 -1.50 -5.54 15.85
CA SER A 85 -0.90 -6.10 14.67
C SER A 85 0.56 -5.74 14.51
N ARG A 86 0.95 -4.50 14.78
CA ARG A 86 2.32 -4.13 14.70
C ARG A 86 3.17 -4.95 15.76
N LYS A 87 2.64 -5.13 16.93
CA LYS A 87 3.34 -5.96 17.99
C LYS A 87 3.48 -7.37 17.57
N ILE A 88 2.43 -7.92 16.93
CA ILE A 88 2.47 -9.28 16.45
C ILE A 88 3.57 -9.45 15.36
N VAL A 89 3.66 -8.48 14.46
CA VAL A 89 4.71 -8.54 13.41
C VAL A 89 6.08 -8.43 14.08
N ALA A 90 6.24 -7.46 14.99
CA ALA A 90 7.52 -7.27 15.71
C ALA A 90 7.97 -8.57 16.35
N ASP A 91 7.09 -9.17 17.10
CA ASP A 91 7.39 -10.41 17.78
C ASP A 91 7.76 -11.57 16.83
N PHE A 92 7.17 -11.57 15.66
CA PHE A 92 7.38 -12.63 14.68
C PHE A 92 8.81 -12.65 14.16
N ILE A 93 9.38 -11.46 14.04
CA ILE A 93 10.75 -11.32 13.58
C ILE A 93 11.79 -10.94 14.65
N GLY A 94 11.39 -10.93 15.89
CA GLY A 94 12.30 -10.59 16.96
C GLY A 94 12.65 -9.12 17.06
N ALA A 95 11.82 -8.23 16.57
CA ALA A 95 12.10 -6.80 16.65
C ALA A 95 11.29 -6.07 17.70
N LYS A 96 11.61 -4.81 17.92
CA LYS A 96 10.85 -4.01 18.84
C LYS A 96 9.64 -3.40 18.07
N PHE A 97 8.59 -3.07 18.77
CA PHE A 97 7.40 -2.45 18.19
C PHE A 97 7.77 -1.28 17.25
N GLU A 98 8.54 -0.35 17.75
CA GLU A 98 8.87 0.84 17.01
C GLU A 98 9.72 0.67 15.77
N GLU A 99 10.27 -0.50 15.61
CA GLU A 99 11.17 -0.75 14.47
C GLU A 99 10.38 -1.34 13.26
N ILE A 100 9.06 -1.51 13.39
CA ILE A 100 8.25 -2.10 12.34
C ILE A 100 7.48 -0.99 11.65
N VAL A 101 7.69 -0.86 10.32
CA VAL A 101 6.94 0.10 9.50
C VAL A 101 6.13 -0.72 8.47
N PHE A 102 4.84 -0.35 8.26
CA PHE A 102 4.04 -1.02 7.23
C PHE A 102 4.12 -0.27 5.88
N THR A 103 4.28 -1.04 4.80
CA THR A 103 4.38 -0.58 3.48
C THR A 103 3.36 -1.39 2.66
N LYS A 104 3.34 -1.20 1.36
CA LYS A 104 2.44 -1.97 0.50
C LYS A 104 2.99 -3.35 0.14
N ASN A 105 4.30 -3.51 0.17
CA ASN A 105 4.91 -4.78 -0.23
C ASN A 105 6.42 -4.69 0.01
N THR A 106 7.09 -5.80 -0.21
CA THR A 106 8.55 -5.84 -0.14
C THR A 106 9.22 -4.84 -1.05
N SER A 107 8.70 -4.69 -2.25
CA SER A 107 9.27 -3.74 -3.23
C SER A 107 9.27 -2.28 -2.76
N GLU A 108 8.18 -1.85 -2.12
CA GLU A 108 8.16 -0.52 -1.55
C GLU A 108 9.18 -0.45 -0.42
N SER A 109 9.16 -1.45 0.46
CA SER A 109 10.11 -1.49 1.61
C SER A 109 11.57 -1.34 1.14
N LEU A 110 11.97 -2.10 0.14
CA LEU A 110 13.36 -2.00 -0.36
C LEU A 110 13.72 -0.64 -1.01
N ASN A 111 12.80 -0.11 -1.78
CA ASN A 111 12.94 1.20 -2.39
C ASN A 111 13.03 2.24 -1.27
N LEU A 112 12.16 2.14 -0.26
CA LEU A 112 12.28 3.09 0.87
C LEU A 112 13.68 3.07 1.54
N VAL A 113 14.25 1.90 1.75
CA VAL A 113 15.63 1.83 2.25
C VAL A 113 16.62 2.64 1.39
N ALA A 114 16.56 2.42 0.09
CA ALA A 114 17.48 3.10 -0.82
C ALA A 114 17.19 4.62 -0.80
N LEU A 115 15.92 5.02 -0.80
CA LEU A 115 15.64 6.43 -0.79
C LEU A 115 16.05 7.05 0.51
N GLY A 116 15.82 6.36 1.62
CA GLY A 116 16.03 6.92 2.96
C GLY A 116 17.47 6.93 3.39
N LEU A 117 18.29 6.13 2.73
CA LEU A 117 19.71 6.07 3.04
C LEU A 117 20.55 6.72 1.97
N GLY A 118 19.93 7.13 0.90
CA GLY A 118 20.65 7.72 -0.19
C GLY A 118 21.67 8.77 0.19
N HIS A 119 21.31 9.62 1.11
CA HIS A 119 22.16 10.71 1.56
C HIS A 119 23.44 10.31 2.26
N ILE A 120 23.59 9.06 2.66
CA ILE A 120 24.77 8.64 3.39
C ILE A 120 25.96 8.29 2.50
N PHE A 121 25.70 8.11 1.24
CA PHE A 121 26.72 7.66 0.31
C PHE A 121 27.55 8.78 -0.27
N LYS A 122 28.85 8.49 -0.44
CA LYS A 122 29.81 9.39 -1.14
C LYS A 122 30.17 8.76 -2.46
N ARG A 123 30.47 9.57 -3.46
CA ARG A 123 30.92 9.05 -4.72
C ARG A 123 32.04 8.04 -4.46
N GLY A 124 31.95 6.90 -5.10
CA GLY A 124 32.93 5.86 -4.95
C GLY A 124 32.69 4.87 -3.86
N ASP A 125 31.67 5.09 -3.04
CA ASP A 125 31.35 4.14 -2.00
C ASP A 125 30.88 2.86 -2.66
N LYS A 126 30.88 1.78 -1.92
CA LYS A 126 30.53 0.49 -2.44
C LYS A 126 29.28 -0.17 -1.87
N ILE A 127 28.47 -0.73 -2.73
CA ILE A 127 27.29 -1.48 -2.33
C ILE A 127 27.52 -2.88 -2.85
N VAL A 128 27.23 -3.88 -2.06
CA VAL A 128 27.43 -5.24 -2.48
C VAL A 128 26.13 -6.05 -2.39
N THR A 129 25.82 -6.84 -3.41
CA THR A 129 24.65 -7.69 -3.39
C THR A 129 25.02 -9.06 -4.00
N THR A 130 24.01 -9.88 -4.26
CA THR A 130 24.22 -11.16 -4.89
C THR A 130 23.82 -11.04 -6.35
N PRO A 131 24.29 -12.06 -7.15
CA PRO A 131 23.86 -11.98 -8.54
C PRO A 131 22.47 -12.57 -8.78
N TYR A 132 21.80 -13.07 -7.75
CA TYR A 132 20.54 -13.73 -7.95
C TYR A 132 19.32 -12.93 -7.46
N GLU A 133 19.52 -11.68 -7.15
CA GLU A 133 18.46 -10.87 -6.62
C GLU A 133 17.22 -10.68 -7.54
N HIS A 134 16.08 -10.62 -6.89
CA HIS A 134 14.83 -10.30 -7.52
C HIS A 134 15.04 -8.81 -7.91
N HIS A 135 14.39 -8.36 -8.96
CA HIS A 135 14.49 -6.98 -9.46
C HIS A 135 14.28 -5.90 -8.39
N SER A 136 13.32 -6.11 -7.54
CA SER A 136 13.12 -5.24 -6.38
C SER A 136 14.27 -5.04 -5.40
N ASP A 137 15.12 -6.02 -5.28
CA ASP A 137 16.37 -5.88 -4.49
C ASP A 137 17.60 -5.65 -5.37
N LEU A 138 17.41 -5.22 -6.58
CA LEU A 138 18.56 -4.85 -7.51
C LEU A 138 18.42 -3.47 -8.03
N LEU A 139 17.30 -3.17 -8.68
CA LEU A 139 17.07 -1.88 -9.31
C LEU A 139 17.25 -0.66 -8.43
N PRO A 140 16.69 -0.65 -7.22
CA PRO A 140 16.94 0.52 -6.39
C PRO A 140 18.46 0.77 -6.15
N TRP A 141 19.25 -0.28 -5.97
CA TRP A 141 20.68 -0.12 -5.75
C TRP A 141 21.41 0.30 -7.06
N GLN A 142 20.98 -0.26 -8.20
CA GLN A 142 21.50 0.20 -9.50
C GLN A 142 21.25 1.64 -9.75
N ARG A 143 20.05 2.14 -9.46
CA ARG A 143 19.72 3.55 -9.66
C ARG A 143 20.63 4.43 -8.72
N LEU A 144 20.73 4.05 -7.47
CA LEU A 144 21.56 4.81 -6.50
C LEU A 144 23.01 4.90 -7.02
N ALA A 145 23.52 3.75 -7.44
CA ALA A 145 24.92 3.66 -7.93
C ALA A 145 25.14 4.56 -9.14
N THR A 146 24.14 4.60 -10.03
CA THR A 146 24.23 5.37 -11.26
C THR A 146 24.13 6.82 -10.97
N LYS A 147 23.20 7.21 -10.12
CA LYS A 147 23.05 8.60 -9.75
C LYS A 147 24.19 9.22 -8.97
N LEU A 148 24.73 8.46 -8.04
CA LEU A 148 25.74 8.92 -7.14
C LEU A 148 27.16 8.50 -7.44
N GLY A 149 27.35 7.70 -8.46
CA GLY A 149 28.66 7.24 -8.81
C GLY A 149 29.20 6.25 -7.80
N LEU A 150 28.42 5.23 -7.47
CA LEU A 150 28.87 4.27 -6.54
C LEU A 150 29.29 3.02 -7.24
N LYS A 151 29.98 2.19 -6.51
CA LYS A 151 30.38 0.91 -7.00
C LYS A 151 29.33 -0.14 -6.58
N LEU A 152 28.72 -0.83 -7.53
CA LEU A 152 27.78 -1.95 -7.21
C LEU A 152 28.47 -3.26 -7.56
N GLU A 153 28.81 -4.05 -6.56
CA GLU A 153 29.55 -5.26 -6.76
C GLU A 153 28.71 -6.45 -6.36
N PHE A 154 29.03 -7.57 -6.98
CA PHE A 154 28.27 -8.82 -6.79
C PHE A 154 29.11 -9.92 -6.29
N ILE A 155 28.66 -10.56 -5.25
CA ILE A 155 29.37 -11.67 -4.68
C ILE A 155 29.35 -12.79 -5.71
N GLU A 156 30.45 -13.51 -5.83
CA GLU A 156 30.52 -14.60 -6.76
C GLU A 156 29.73 -15.77 -6.25
N GLY A 157 29.18 -16.51 -7.18
CA GLY A 157 28.41 -17.70 -6.91
C GLY A 157 28.28 -18.61 -8.12
N ASP A 158 27.80 -19.82 -7.88
CA ASP A 158 27.70 -20.83 -8.92
C ASP A 158 26.28 -20.83 -9.46
N ASP A 159 26.04 -21.71 -10.44
CA ASP A 159 24.78 -21.76 -11.13
C ASP A 159 23.63 -22.31 -10.30
N GLU A 160 23.94 -22.95 -9.19
CA GLU A 160 22.95 -23.43 -8.25
C GLU A 160 22.46 -22.36 -7.26
N GLY A 161 23.16 -21.23 -7.20
CA GLY A 161 22.83 -20.15 -6.25
C GLY A 161 23.70 -20.13 -5.03
N ASN A 162 24.68 -21.03 -4.96
CA ASN A 162 25.58 -21.08 -3.85
C ASN A 162 26.61 -19.98 -3.97
N LEU A 163 26.63 -19.11 -2.99
CA LEU A 163 27.57 -18.04 -2.95
C LEU A 163 28.95 -18.51 -2.46
N ASP A 164 29.99 -17.87 -2.96
CA ASP A 164 31.36 -18.10 -2.55
C ASP A 164 31.61 -17.23 -1.32
N LEU A 165 31.61 -17.79 -0.12
CA LEU A 165 31.79 -16.99 1.08
C LEU A 165 33.17 -16.30 1.23
N SER A 166 34.18 -16.83 0.56
CA SER A 166 35.49 -16.21 0.60
C SER A 166 35.42 -14.98 -0.21
N ASP A 167 34.74 -15.03 -1.32
CA ASP A 167 34.56 -13.85 -2.13
C ASP A 167 33.68 -12.86 -1.37
N ALA A 168 32.66 -13.33 -0.69
CA ALA A 168 31.79 -12.43 0.14
C ALA A 168 32.61 -11.63 1.15
N GLU A 169 33.55 -12.28 1.81
CA GLU A 169 34.45 -11.59 2.72
C GLU A 169 35.23 -10.52 2.02
N LYS A 170 35.77 -10.80 0.82
CA LYS A 170 36.59 -9.80 0.14
C LYS A 170 35.75 -8.66 -0.28
N LYS A 171 34.60 -8.97 -0.86
CA LYS A 171 33.70 -7.99 -1.38
C LYS A 171 33.12 -7.11 -0.32
N ILE A 172 32.74 -7.71 0.79
CA ILE A 172 32.12 -6.96 1.84
C ILE A 172 33.05 -6.01 2.59
N LYS A 173 34.33 -6.31 2.58
CA LYS A 173 35.31 -5.45 3.22
C LYS A 173 35.30 -4.12 2.50
N GLY A 174 35.11 -3.06 3.25
CA GLY A 174 35.08 -1.70 2.73
C GLY A 174 33.71 -1.33 2.13
N ALA A 175 32.71 -2.21 2.23
CA ALA A 175 31.41 -1.85 1.68
C ALA A 175 30.67 -0.96 2.66
N LYS A 176 29.94 -0.04 2.08
CA LYS A 176 29.02 0.80 2.82
C LYS A 176 27.70 0.09 3.20
N LEU A 177 27.19 -0.71 2.26
CA LEU A 177 25.90 -1.33 2.44
C LEU A 177 25.97 -2.66 1.71
N VAL A 178 25.35 -3.66 2.28
CA VAL A 178 25.24 -4.99 1.70
C VAL A 178 23.77 -5.34 1.68
N ALA A 179 23.26 -5.75 0.55
CA ALA A 179 21.87 -6.12 0.43
C ALA A 179 21.76 -7.52 -0.16
N VAL A 180 21.15 -8.44 0.56
CA VAL A 180 20.99 -9.78 0.03
C VAL A 180 19.63 -10.40 0.29
N GLN A 181 19.23 -11.30 -0.58
CA GLN A 181 18.02 -12.01 -0.35
C GLN A 181 18.30 -13.19 0.62
N HIS A 182 17.31 -13.53 1.40
CA HIS A 182 17.41 -14.65 2.30
C HIS A 182 17.27 -15.97 1.48
N VAL A 183 16.25 -16.01 0.65
CA VAL A 183 15.92 -17.14 -0.27
C VAL A 183 15.68 -16.55 -1.63
N SER A 184 16.20 -17.21 -2.68
CA SER A 184 15.94 -16.86 -4.04
C SER A 184 14.58 -17.35 -4.49
N ASN A 185 13.83 -16.46 -5.09
CA ASN A 185 12.53 -16.79 -5.66
C ASN A 185 12.58 -17.57 -6.97
N ALA A 186 13.71 -17.55 -7.66
CA ALA A 186 13.83 -18.26 -8.93
C ALA A 186 14.50 -19.65 -8.73
N LEU A 187 15.54 -19.70 -7.89
CA LEU A 187 16.29 -20.94 -7.60
C LEU A 187 15.91 -21.68 -6.33
N GLY A 188 15.33 -20.97 -5.35
CA GLY A 188 15.10 -21.64 -4.06
C GLY A 188 16.34 -21.82 -3.17
N VAL A 189 17.46 -21.28 -3.56
CA VAL A 189 18.59 -21.35 -2.67
C VAL A 189 18.34 -20.51 -1.40
N ILE A 190 18.70 -21.07 -0.26
CA ILE A 190 18.65 -20.41 1.04
C ILE A 190 20.09 -19.96 1.33
N HIS A 191 20.38 -18.67 1.25
CA HIS A 191 21.72 -18.19 1.50
C HIS A 191 22.12 -18.23 2.96
N GLU A 192 23.42 -18.23 3.21
CA GLU A 192 23.93 -18.27 4.57
C GLU A 192 23.88 -16.84 5.09
N VAL A 193 22.63 -16.37 5.33
CA VAL A 193 22.45 -14.99 5.73
C VAL A 193 23.07 -14.62 7.06
N GLU A 194 23.02 -15.54 7.99
CA GLU A 194 23.54 -15.27 9.33
C GLU A 194 25.07 -15.00 9.24
N GLU A 195 25.74 -15.82 8.44
CA GLU A 195 27.18 -15.61 8.12
C GLU A 195 27.43 -14.33 7.33
N LEU A 196 26.61 -14.04 6.32
CA LEU A 196 26.81 -12.82 5.56
C LEU A 196 26.59 -11.61 6.46
N GLY A 197 25.64 -11.72 7.36
CA GLY A 197 25.30 -10.62 8.25
C GLY A 197 26.47 -10.40 9.22
N LYS A 198 27.00 -11.48 9.75
CA LYS A 198 28.21 -11.38 10.57
C LYS A 198 29.32 -10.70 9.86
N ILE A 199 29.59 -11.06 8.62
CA ILE A 199 30.67 -10.41 7.85
C ILE A 199 30.41 -8.90 7.68
N ALA A 200 29.16 -8.56 7.31
CA ALA A 200 28.81 -7.16 7.18
C ALA A 200 28.95 -6.38 8.47
N LYS A 201 28.51 -6.94 9.58
CA LYS A 201 28.63 -6.21 10.80
C LYS A 201 30.08 -6.14 11.30
N ASP A 202 30.83 -7.21 11.06
CA ASP A 202 32.30 -7.21 11.42
C ASP A 202 33.05 -6.18 10.56
N GLU A 203 32.58 -5.95 9.35
CA GLU A 203 33.20 -4.98 8.49
C GLU A 203 32.59 -3.56 8.51
N GLY A 204 31.60 -3.35 9.34
CA GLY A 204 30.95 -2.06 9.43
C GLY A 204 30.05 -1.62 8.32
N ALA A 205 29.50 -2.57 7.59
CA ALA A 205 28.60 -2.27 6.53
C ALA A 205 27.15 -2.34 7.02
N ILE A 206 26.28 -1.59 6.39
CA ILE A 206 24.85 -1.65 6.72
C ILE A 206 24.34 -2.95 6.06
N PHE A 207 23.56 -3.74 6.76
CA PHE A 207 23.09 -5.04 6.23
C PHE A 207 21.55 -5.00 6.02
N VAL A 208 21.16 -5.19 4.78
CA VAL A 208 19.79 -5.20 4.35
C VAL A 208 19.38 -6.61 3.84
N VAL A 209 18.29 -7.13 4.35
CA VAL A 209 17.81 -8.43 3.97
C VAL A 209 16.43 -8.43 3.30
N ASP A 210 16.36 -9.04 2.12
CA ASP A 210 15.14 -9.21 1.39
C ASP A 210 14.62 -10.62 1.84
N ALA A 211 13.69 -10.62 2.78
CA ALA A 211 13.10 -11.81 3.32
C ALA A 211 11.72 -12.16 2.66
N ALA A 212 11.46 -11.70 1.46
CA ALA A 212 10.12 -11.86 0.88
C ALA A 212 9.81 -13.35 0.71
N GLN A 213 10.79 -14.17 0.39
CA GLN A 213 10.55 -15.61 0.15
C GLN A 213 10.84 -16.50 1.38
N SER A 214 11.45 -15.94 2.43
CA SER A 214 11.65 -16.68 3.63
C SER A 214 10.52 -16.52 4.66
N ALA A 215 10.01 -15.30 4.83
CA ALA A 215 9.05 -15.03 5.87
C ALA A 215 7.85 -15.97 5.77
N GLY A 216 7.47 -16.60 6.88
CA GLY A 216 6.40 -17.59 6.89
C GLY A 216 6.72 -19.02 6.44
N HIS A 217 7.91 -19.21 5.88
CA HIS A 217 8.39 -20.49 5.38
C HIS A 217 9.54 -21.04 6.25
N MET A 218 10.17 -20.18 7.00
CA MET A 218 11.22 -20.60 7.88
C MET A 218 11.51 -19.47 8.85
N GLU A 219 12.34 -19.72 9.85
CA GLU A 219 12.61 -18.70 10.83
C GLU A 219 13.25 -17.46 10.22
N VAL A 220 12.66 -16.34 10.55
CA VAL A 220 13.18 -15.07 10.16
C VAL A 220 13.32 -14.23 11.44
N ASN A 221 14.56 -14.04 11.88
CA ASN A 221 14.82 -13.31 13.12
C ASN A 221 15.88 -12.24 12.89
N VAL A 222 15.54 -10.99 13.11
CA VAL A 222 16.45 -9.89 12.86
C VAL A 222 17.79 -9.93 13.62
N LYS A 223 17.74 -10.44 14.83
CA LYS A 223 18.98 -10.54 15.67
C LYS A 223 19.89 -11.64 15.14
N LYS A 224 19.32 -12.78 14.81
CA LYS A 224 20.10 -13.86 14.26
C LYS A 224 20.66 -13.51 12.90
N LEU A 225 19.93 -12.77 12.12
CA LEU A 225 20.39 -12.36 10.81
C LEU A 225 21.33 -11.14 10.82
N HIS A 226 21.47 -10.46 11.95
CA HIS A 226 22.25 -9.23 12.02
C HIS A 226 21.72 -8.12 11.09
N ALA A 227 20.44 -8.16 10.82
CA ALA A 227 19.82 -7.20 9.96
C ALA A 227 19.71 -5.82 10.52
N ASP A 228 20.03 -4.83 9.68
CA ASP A 228 19.82 -3.45 9.98
C ASP A 228 18.46 -3.00 9.37
N PHE A 229 18.14 -3.54 8.21
CA PHE A 229 16.87 -3.32 7.55
C PHE A 229 16.41 -4.67 7.05
N LEU A 230 15.14 -4.94 7.06
CA LEU A 230 14.64 -6.21 6.58
C LEU A 230 13.25 -5.97 6.03
N ALA A 231 12.96 -6.61 4.91
CA ALA A 231 11.71 -6.44 4.24
C ALA A 231 11.04 -7.78 3.95
N PHE A 232 9.73 -7.79 4.01
CA PHE A 232 8.93 -8.94 3.68
C PHE A 232 7.55 -8.53 3.25
N SER A 233 6.89 -9.44 2.59
CA SER A 233 5.54 -9.23 2.04
C SER A 233 4.45 -10.08 2.67
N GLY A 234 3.36 -9.45 3.10
CA GLY A 234 2.30 -10.18 3.72
C GLY A 234 1.64 -11.30 2.91
N HIS A 235 1.51 -11.07 1.62
CA HIS A 235 0.81 -11.97 0.72
C HIS A 235 1.44 -13.28 0.32
N1 LLP A 236 12.13 -10.39 -3.36
C2 LLP A 236 11.95 -11.69 -3.42
C2' LLP A 236 13.07 -12.63 -3.12
C3 LLP A 236 10.61 -12.19 -3.75
O3 LLP A 236 10.36 -13.46 -3.80
C4 LLP A 236 9.54 -11.21 -4.02
C4' LLP A 236 8.15 -11.59 -4.38
C5 LLP A 236 9.89 -9.81 -3.94
C6 LLP A 236 11.19 -9.49 -3.61
C5' LLP A 236 8.85 -8.76 -4.23
OP4 LLP A 236 7.74 -8.80 -3.40
P LLP A 236 6.46 -7.96 -3.65
OP1 LLP A 236 6.02 -8.28 -4.94
OP2 LLP A 236 6.93 -6.64 -3.62
OP3 LLP A 236 5.63 -8.33 -2.60
N LLP A 236 2.69 -13.42 0.72
CA LLP A 236 3.44 -14.62 0.43
CB LLP A 236 4.85 -14.35 -0.07
CG LLP A 236 4.90 -13.50 -1.34
CD LLP A 236 6.29 -13.09 -1.76
CE LLP A 236 6.32 -12.72 -3.22
NZ LLP A 236 7.67 -12.70 -3.70
C LLP A 236 3.40 -15.53 1.59
O LLP A 236 2.36 -15.84 2.04
N GLY A 237 4.54 -15.98 2.07
CA GLY A 237 4.57 -16.93 3.15
C GLY A 237 3.67 -16.73 4.36
N PRO A 238 3.55 -15.51 4.86
CA PRO A 238 2.76 -15.28 6.07
C PRO A 238 1.25 -15.51 5.96
N MET A 239 0.76 -15.84 4.74
CA MET A 239 -0.62 -16.15 4.43
C MET A 239 -1.55 -14.98 4.76
N GLY A 240 -1.05 -13.80 4.50
CA GLY A 240 -1.77 -12.58 4.68
C GLY A 240 -2.37 -12.04 3.38
N PRO A 241 -2.98 -10.80 3.54
CA PRO A 241 -3.56 -10.23 2.34
C PRO A 241 -2.54 -9.52 1.44
N THR A 242 -2.98 -9.09 0.27
CA THR A 242 -2.15 -8.32 -0.59
C THR A 242 -2.19 -6.88 -0.03
N GLY A 243 -1.31 -6.04 -0.53
CA GLY A 243 -1.17 -4.64 -0.11
C GLY A 243 -0.59 -4.35 1.24
N ILE A 244 0.11 -5.33 1.83
CA ILE A 244 0.77 -5.07 3.09
C ILE A 244 2.14 -5.67 3.06
N GLY A 245 3.10 -4.88 3.37
CA GLY A 245 4.45 -5.30 3.47
C GLY A 245 5.04 -4.74 4.75
N VAL A 246 6.23 -5.20 5.09
CA VAL A 246 6.88 -4.75 6.26
C VAL A 246 8.30 -4.28 5.93
N LEU A 247 8.71 -3.24 6.65
CA LEU A 247 10.06 -2.71 6.64
C LEU A 247 10.49 -2.61 8.13
N TYR A 248 11.51 -3.36 8.47
CA TYR A 248 12.12 -3.35 9.78
C TYR A 248 13.26 -2.39 9.64
N ILE A 249 13.32 -1.49 10.59
CA ILE A 249 14.36 -0.49 10.69
C ILE A 249 14.95 -0.57 12.12
N ARG A 250 16.18 -1.01 12.23
CA ARG A 250 16.82 -1.16 13.52
C ARG A 250 16.96 0.22 14.16
N GLU A 251 16.59 0.31 15.44
CA GLU A 251 16.58 1.59 16.15
C GLU A 251 17.84 2.44 16.00
N GLU A 252 18.99 1.78 15.92
CA GLU A 252 20.22 2.49 15.69
C GLU A 252 20.19 3.41 14.45
N PHE A 253 19.34 3.16 13.46
CA PHE A 253 19.25 4.03 12.28
C PHE A 253 18.12 5.06 12.38
N PHE A 254 17.47 5.19 13.50
CA PHE A 254 16.39 6.23 13.57
C PHE A 254 16.95 7.67 13.33
N ASP A 255 18.19 7.96 13.71
CA ASP A 255 18.79 9.30 13.50
C ASP A 255 19.46 9.43 12.15
N THR A 256 19.42 8.41 11.32
CA THR A 256 20.09 8.42 10.01
C THR A 256 19.09 8.36 8.84
N PHE A 257 18.10 7.49 9.00
CA PHE A 257 17.18 7.17 7.91
C PHE A 257 16.21 8.32 7.67
N GLU A 258 16.17 8.88 6.47
CA GLU A 258 15.28 9.99 6.18
C GLU A 258 13.93 9.41 5.70
N PRO A 259 12.82 9.77 6.34
CA PRO A 259 11.55 9.20 5.82
C PRO A 259 11.29 9.62 4.40
N PRO A 260 11.18 8.66 3.46
CA PRO A 260 10.91 9.06 2.08
C PRO A 260 9.53 9.62 1.82
N LEU A 261 8.53 9.16 2.57
CA LEU A 261 7.16 9.58 2.42
C LEU A 261 6.75 10.24 3.72
N ILE A 262 6.27 11.49 3.59
CA ILE A 262 5.88 12.30 4.77
C ILE A 262 4.52 12.94 4.58
N GLY A 263 3.88 13.31 5.69
CA GLY A 263 2.60 14.00 5.59
C GLY A 263 1.80 13.65 6.77
N GLY A 264 0.52 13.41 6.52
CA GLY A 264 -0.40 13.07 7.58
C GLY A 264 0.10 11.90 8.42
N GLY A 265 0.05 12.03 9.75
CA GLY A 265 0.41 10.96 10.71
C GLY A 265 1.91 10.93 11.03
N THR A 266 2.74 11.67 10.33
CA THR A 266 4.17 11.68 10.56
C THR A 266 4.77 12.85 11.32
N ILE A 267 3.93 13.76 11.73
CA ILE A 267 4.38 14.99 12.33
C ILE A 267 4.01 15.24 13.79
N GLU A 268 4.71 16.20 14.36
CA GLU A 268 4.55 16.69 15.69
C GLU A 268 3.98 18.10 15.60
N ASP A 269 4.40 18.83 14.59
CA ASP A 269 3.94 20.20 14.36
C ASP A 269 4.16 20.61 12.90
N VAL A 270 3.30 21.48 12.43
CA VAL A 270 3.36 21.99 11.09
C VAL A 270 2.83 23.44 11.00
N SER A 271 3.45 24.23 10.16
CA SER A 271 3.05 25.58 9.88
C SER A 271 3.31 25.77 8.40
N LEU A 272 2.89 26.87 7.83
CA LEU A 272 3.14 27.13 6.45
C LEU A 272 4.63 27.16 6.15
N ASP A 273 5.46 27.53 7.13
CA ASP A 273 6.91 27.60 6.92
C ASP A 273 7.72 26.31 7.03
N GLY A 274 7.14 25.30 7.68
CA GLY A 274 7.82 24.03 7.85
C GLY A 274 6.93 23.00 8.54
N TYR A 275 7.56 22.06 9.23
CA TYR A 275 6.83 21.01 9.93
C TYR A 275 7.74 20.25 10.89
N LYS A 276 7.14 19.52 11.82
CA LYS A 276 7.89 18.74 12.80
C LYS A 276 7.55 17.26 12.71
N LEU A 277 8.56 16.43 12.51
CA LEU A 277 8.36 14.99 12.41
C LEU A 277 8.24 14.35 13.78
N THR A 278 7.39 13.36 13.90
CA THR A 278 7.18 12.66 15.15
C THR A 278 8.20 11.51 15.27
N GLU A 279 7.99 10.68 16.24
CA GLU A 279 8.88 9.55 16.48
C GLU A 279 8.47 8.27 15.72
N PRO A 280 9.50 7.34 15.59
CA PRO A 280 9.11 6.07 14.96
C PRO A 280 8.06 5.36 15.83
N PRO A 281 7.17 4.45 15.29
CA PRO A 281 7.28 4.20 13.85
C PRO A 281 6.45 5.12 12.95
N GLU A 282 5.56 5.88 13.56
CA GLU A 282 4.70 6.82 12.86
C GLU A 282 5.44 7.80 11.98
N ARG A 283 6.64 8.18 12.34
CA ARG A 283 7.46 9.06 11.54
C ARG A 283 7.64 8.56 10.09
N PHE A 284 7.48 7.26 9.89
CA PHE A 284 7.68 6.65 8.60
C PHE A 284 6.43 6.24 7.83
N GLU A 285 5.25 6.39 8.42
CA GLU A 285 4.00 5.93 7.87
C GLU A 285 3.10 7.13 7.50
N ALA A 286 3.17 7.49 6.26
CA ALA A 286 2.49 8.66 5.78
C ALA A 286 1.11 8.26 5.32
N GLY A 287 0.12 8.95 5.84
CA GLY A 287 -1.26 8.75 5.50
C GLY A 287 -1.94 7.57 6.15
N THR A 288 -3.22 7.44 5.89
CA THR A 288 -3.98 6.34 6.43
C THR A 288 -3.30 5.02 6.02
N PRO A 289 -2.88 4.23 7.08
CA PRO A 289 -2.26 2.95 6.69
C PRO A 289 -3.27 1.94 6.18
N ASN A 290 -2.78 0.80 5.71
CA ASN A 290 -3.64 -0.27 5.28
C ASN A 290 -4.06 -1.05 6.56
N ILE A 291 -5.03 -0.49 7.23
CA ILE A 291 -5.45 -0.95 8.54
C ILE A 291 -5.98 -2.37 8.44
N GLY A 292 -6.85 -2.62 7.45
CA GLY A 292 -7.37 -3.95 7.19
C GLY A 292 -6.29 -5.00 6.86
N GLY A 293 -5.32 -4.55 6.08
CA GLY A 293 -4.17 -5.36 5.69
C GLY A 293 -3.24 -5.73 6.83
N ALA A 294 -2.95 -4.77 7.69
CA ALA A 294 -2.15 -5.04 8.90
C ALA A 294 -2.86 -6.01 9.79
N ILE A 295 -4.16 -5.87 9.95
CA ILE A 295 -4.93 -6.79 10.74
C ILE A 295 -4.90 -8.17 10.10
N GLY A 296 -5.08 -8.25 8.79
CA GLY A 296 -5.02 -9.51 8.11
C GLY A 296 -3.65 -10.21 8.21
N LEU A 297 -2.63 -9.42 8.12
CA LEU A 297 -1.27 -9.92 8.22
C LEU A 297 -1.04 -10.50 9.64
N ALA A 298 -1.46 -9.78 10.66
CA ALA A 298 -1.35 -10.24 12.03
C ALA A 298 -2.07 -11.59 12.14
N ALA A 299 -3.24 -11.66 11.56
CA ALA A 299 -4.01 -12.88 11.50
C ALA A 299 -3.26 -14.04 10.83
N GLY A 300 -2.60 -13.76 9.73
CA GLY A 300 -1.82 -14.73 9.01
C GLY A 300 -0.68 -15.22 9.89
N ILE A 301 0.03 -14.29 10.47
CA ILE A 301 1.13 -14.61 11.36
C ILE A 301 0.64 -15.53 12.52
N ARG A 302 -0.49 -15.21 13.12
CA ARG A 302 -1.05 -16.03 14.18
C ARG A 302 -1.36 -17.44 13.66
N TYR A 303 -1.91 -17.52 12.49
CA TYR A 303 -2.25 -18.76 11.83
C TYR A 303 -0.93 -19.60 11.62
N ILE A 304 0.08 -18.94 11.12
CA ILE A 304 1.39 -19.55 10.92
C ILE A 304 1.96 -20.08 12.26
N GLU A 305 1.87 -19.26 13.27
CA GLU A 305 2.36 -19.62 14.60
C GLU A 305 1.66 -20.88 15.17
N ARG A 306 0.40 -21.02 14.88
CA ARG A 306 -0.33 -22.18 15.30
C ARG A 306 0.19 -23.43 14.63
N ILE A 307 0.54 -23.33 13.38
CA ILE A 307 1.08 -24.41 12.67
C ILE A 307 2.49 -24.68 13.16
N GLY A 308 3.27 -23.64 13.26
CA GLY A 308 4.71 -23.76 13.57
C GLY A 308 5.64 -23.75 12.40
N LEU A 309 6.62 -22.85 12.45
CA LEU A 309 7.57 -22.73 11.31
C LEU A 309 8.37 -24.02 11.14
N GLY A 310 8.64 -24.74 12.23
CA GLY A 310 9.32 -26.06 12.08
C GLY A 310 8.50 -27.08 11.28
N ARG A 311 7.20 -27.12 11.53
CA ARG A 311 6.35 -28.02 10.71
C ARG A 311 6.30 -27.57 9.27
N ILE A 312 6.24 -26.26 9.04
CA ILE A 312 6.15 -25.75 7.70
C ILE A 312 7.43 -26.13 6.93
N GLU A 313 8.56 -25.87 7.56
CA GLU A 313 9.87 -26.19 6.92
C GLU A 313 9.93 -27.66 6.58
N ARG A 314 9.46 -28.49 7.49
CA ARG A 314 9.59 -29.95 7.32
C ARG A 314 8.68 -30.48 6.21
N GLN A 315 7.43 -30.00 6.19
CA GLN A 315 6.54 -30.35 5.11
C GLN A 315 7.08 -29.92 3.79
N GLU A 316 7.53 -28.67 3.68
CA GLU A 316 8.02 -28.25 2.43
C GLU A 316 9.22 -29.04 1.97
N HIS A 317 10.10 -29.40 2.90
CA HIS A 317 11.24 -30.22 2.53
C HIS A 317 10.77 -31.58 1.97
N LYS A 318 9.76 -32.21 2.55
CA LYS A 318 9.25 -33.46 2.00
C LYS A 318 8.78 -33.29 0.59
N LEU A 319 8.09 -32.16 0.34
CA LEU A 319 7.61 -31.93 -1.04
C LEU A 319 8.74 -31.69 -2.05
N VAL A 320 9.74 -30.92 -1.66
CA VAL A 320 10.90 -30.67 -2.52
C VAL A 320 11.69 -31.96 -2.82
N LYS A 321 11.88 -32.75 -1.80
CA LYS A 321 12.64 -34.01 -1.90
C LYS A 321 11.97 -34.94 -2.94
N ARG A 322 10.66 -35.12 -2.78
CA ARG A 322 9.93 -36.00 -3.74
C ARG A 322 9.83 -35.41 -5.15
N THR A 323 9.63 -34.08 -5.24
CA THR A 323 9.56 -33.45 -6.53
C THR A 323 10.86 -33.60 -7.32
N THR A 324 11.98 -33.32 -6.65
CA THR A 324 13.27 -33.27 -7.31
C THR A 324 13.70 -34.69 -7.72
N GLU A 325 13.44 -35.63 -6.84
CA GLU A 325 13.70 -37.05 -7.13
C GLU A 325 12.84 -37.54 -8.30
N GLY A 326 11.54 -37.22 -8.31
CA GLY A 326 10.68 -37.47 -9.48
C GLY A 326 11.13 -36.89 -10.80
N LEU A 327 11.59 -35.65 -10.79
CA LEU A 327 12.10 -35.00 -11.96
C LEU A 327 13.40 -35.65 -12.46
N ASP A 328 14.25 -36.09 -11.53
CA ASP A 328 15.47 -36.86 -11.91
C ASP A 328 15.00 -38.18 -12.55
N GLU A 329 13.99 -38.85 -12.01
CA GLU A 329 13.54 -40.10 -12.64
C GLU A 329 13.02 -39.86 -14.07
N LEU A 330 12.52 -38.64 -14.35
CA LEU A 330 12.05 -38.27 -15.72
C LEU A 330 13.07 -37.62 -16.63
N GLU A 331 14.30 -37.48 -16.14
CA GLU A 331 15.33 -36.75 -16.83
C GLU A 331 14.93 -35.34 -17.14
N VAL A 332 14.22 -34.72 -16.18
CA VAL A 332 13.85 -33.32 -16.35
C VAL A 332 14.82 -32.51 -15.47
N PRO A 333 15.58 -31.65 -16.06
CA PRO A 333 16.54 -30.82 -15.33
C PRO A 333 15.85 -29.81 -14.41
N TRP A 334 16.37 -29.68 -13.21
CA TRP A 334 15.93 -28.76 -12.21
C TRP A 334 17.10 -27.94 -11.68
N TYR A 335 16.79 -26.75 -11.23
CA TYR A 335 17.74 -25.78 -10.78
C TYR A 335 17.82 -25.56 -9.29
N GLY A 336 18.85 -24.88 -8.87
CA GLY A 336 19.04 -24.65 -7.46
C GLY A 336 19.91 -25.70 -6.80
N PRO A 337 20.10 -25.49 -5.45
CA PRO A 337 20.99 -26.45 -4.78
C PRO A 337 20.59 -27.91 -4.71
N ARG A 338 21.56 -28.79 -4.89
CA ARG A 338 21.32 -30.21 -4.78
C ARG A 338 21.28 -30.58 -3.31
N ASN A 339 22.00 -29.85 -2.46
CA ASN A 339 21.90 -30.10 -1.08
C ASN A 339 20.57 -29.50 -0.65
N LEU A 340 19.60 -30.35 -0.36
CA LEU A 340 18.27 -29.92 0.01
C LEU A 340 18.18 -29.19 1.36
N LYS A 341 19.23 -29.26 2.14
CA LYS A 341 19.26 -28.52 3.38
C LYS A 341 19.24 -26.99 3.05
N LYS A 342 19.72 -26.61 1.88
CA LYS A 342 19.88 -25.24 1.45
C LYS A 342 18.87 -24.93 0.31
N HIS A 343 17.85 -25.76 0.13
CA HIS A 343 16.87 -25.59 -0.90
C HIS A 343 15.49 -25.38 -0.25
N ALA A 344 14.89 -24.20 -0.43
CA ALA A 344 13.52 -23.91 0.10
C ALA A 344 12.47 -24.55 -0.77
N GLY A 345 11.20 -24.21 -0.53
CA GLY A 345 10.09 -24.78 -1.18
C GLY A 345 9.80 -24.30 -2.55
N VAL A 346 10.85 -24.21 -3.39
CA VAL A 346 10.79 -23.69 -4.72
C VAL A 346 11.54 -24.67 -5.62
N VAL A 347 10.91 -25.18 -6.67
CA VAL A 347 11.57 -26.03 -7.65
C VAL A 347 11.38 -25.46 -9.05
N SER A 348 12.45 -24.93 -9.59
CA SER A 348 12.46 -24.39 -10.90
C SER A 348 12.99 -25.50 -11.79
N PHE A 349 12.41 -25.62 -12.95
CA PHE A 349 12.77 -26.64 -13.91
C PHE A 349 12.45 -26.28 -15.36
N ASN A 350 12.83 -27.17 -16.26
CA ASN A 350 12.55 -27.01 -17.65
C ASN A 350 12.47 -28.40 -18.32
N VAL A 351 11.62 -28.46 -19.33
CA VAL A 351 11.45 -29.63 -20.16
C VAL A 351 12.17 -29.33 -21.47
N PRO A 352 13.22 -30.19 -21.74
CA PRO A 352 13.97 -29.88 -22.95
C PRO A 352 13.12 -29.91 -24.19
N GLY A 353 13.26 -28.91 -25.02
CA GLY A 353 12.50 -28.80 -26.23
C GLY A 353 11.22 -28.02 -26.13
N LEU A 354 10.81 -27.66 -24.93
CA LEU A 354 9.56 -26.96 -24.69
C LEU A 354 9.77 -25.66 -23.95
N HIS A 355 9.06 -24.64 -24.37
CA HIS A 355 9.14 -23.35 -23.75
C HIS A 355 8.44 -23.49 -22.35
N PRO A 356 8.96 -22.83 -21.30
CA PRO A 356 8.25 -22.92 -19.99
C PRO A 356 6.79 -22.56 -19.97
N HIS A 357 6.41 -21.57 -20.75
CA HIS A 357 5.00 -21.17 -20.83
C HIS A 357 4.15 -22.30 -21.39
N ASP A 358 4.71 -23.12 -22.27
CA ASP A 358 3.93 -24.26 -22.79
C ASP A 358 3.77 -25.33 -21.77
N VAL A 359 4.83 -25.58 -20.98
CA VAL A 359 4.74 -26.51 -19.93
C VAL A 359 3.67 -26.05 -18.92
N ALA A 360 3.72 -24.78 -18.54
CA ALA A 360 2.79 -24.27 -17.56
C ALA A 360 1.34 -24.39 -18.03
N ALA A 361 1.11 -24.17 -19.29
CA ALA A 361 -0.20 -24.32 -19.93
C ALA A 361 -0.74 -25.73 -19.83
N ILE A 362 0.13 -26.71 -20.08
CA ILE A 362 -0.27 -28.13 -19.92
C ILE A 362 -0.62 -28.44 -18.50
N LEU A 363 0.17 -27.87 -17.57
CA LEU A 363 -0.08 -28.14 -16.19
C LEU A 363 -1.39 -27.52 -15.78
N ASP A 364 -1.63 -26.32 -16.26
CA ASP A 364 -2.93 -25.67 -16.01
C ASP A 364 -4.13 -26.45 -16.54
N ASP A 365 -4.00 -27.02 -17.72
CA ASP A 365 -5.09 -27.91 -18.24
C ASP A 365 -5.45 -29.02 -17.21
N HIS A 366 -4.43 -29.54 -16.52
CA HIS A 366 -4.61 -30.51 -15.42
C HIS A 366 -4.87 -29.92 -14.05
N SER A 367 -5.29 -28.66 -13.98
CA SER A 367 -5.53 -27.99 -12.75
C SER A 367 -4.34 -27.91 -11.76
N ILE A 368 -3.16 -27.79 -12.31
CA ILE A 368 -1.96 -27.60 -11.56
C ILE A 368 -1.43 -26.21 -11.91
N MET A 369 -1.38 -25.37 -10.90
CA MET A 369 -0.96 -24.00 -11.03
C MET A 369 0.52 -23.79 -10.75
N VAL A 370 1.28 -23.48 -11.77
CA VAL A 370 2.70 -23.17 -11.64
C VAL A 370 2.97 -21.85 -12.37
N ARG A 371 4.14 -21.25 -12.13
CA ARG A 371 4.53 -20.06 -12.88
C ARG A 371 5.66 -20.35 -13.86
N SER A 372 5.68 -19.56 -14.91
CA SER A 372 6.77 -19.72 -15.93
C SER A 372 7.35 -18.39 -16.27
N GLY A 373 8.58 -18.34 -16.76
CA GLY A 373 9.22 -17.12 -17.14
C GLY A 373 10.51 -16.85 -16.40
N HIS A 374 10.88 -15.60 -16.34
CA HIS A 374 12.08 -15.14 -15.67
C HIS A 374 11.90 -14.86 -14.18
N HIS A 375 10.67 -14.87 -13.71
CA HIS A 375 10.40 -14.69 -12.31
C HIS A 375 11.03 -13.42 -11.69
N CSS A 376 11.07 -12.33 -12.42
CA CSS A 376 11.60 -11.08 -11.94
CB CSS A 376 10.63 -10.49 -10.92
SG CSS A 376 9.20 -9.86 -11.74
SD CSS A 376 9.87 -8.32 -13.05
C CSS A 376 13.03 -11.22 -11.48
O CSS A 376 13.47 -10.53 -10.62
N ALA A 377 13.72 -12.14 -12.11
CA ALA A 377 15.10 -12.47 -11.84
C ALA A 377 15.92 -12.71 -13.12
N LEU A 378 15.89 -11.76 -14.04
CA LEU A 378 16.60 -11.86 -15.31
C LEU A 378 18.09 -12.15 -15.19
N PRO A 379 18.75 -11.59 -14.20
CA PRO A 379 20.17 -11.93 -14.08
C PRO A 379 20.45 -13.39 -13.72
N VAL A 380 19.56 -14.02 -12.95
CA VAL A 380 19.64 -15.47 -12.77
C VAL A 380 19.55 -16.22 -14.14
N MET A 381 18.57 -15.88 -14.92
CA MET A 381 18.31 -16.56 -16.21
C MET A 381 19.54 -16.38 -17.12
N LYS A 382 20.07 -15.16 -17.14
CA LYS A 382 21.21 -14.81 -17.98
C LYS A 382 22.46 -15.51 -17.53
N LYS A 383 22.68 -15.59 -16.23
CA LYS A 383 23.79 -16.36 -15.66
C LYS A 383 23.75 -17.87 -15.99
N LEU A 384 22.57 -18.45 -15.94
CA LEU A 384 22.38 -19.85 -16.29
C LEU A 384 22.32 -20.09 -17.79
N GLY A 385 22.23 -19.03 -18.59
CA GLY A 385 22.12 -19.15 -20.02
C GLY A 385 20.79 -19.73 -20.48
N ILE A 386 19.69 -19.37 -19.81
CA ILE A 386 18.34 -19.90 -20.15
C ILE A 386 17.42 -18.73 -20.27
N ASN A 387 16.27 -18.93 -20.86
CA ASN A 387 15.34 -17.84 -21.06
C ASN A 387 14.39 -17.69 -19.87
N GLY A 388 14.11 -18.77 -19.21
CA GLY A 388 13.24 -18.78 -18.09
C GLY A 388 13.10 -20.19 -17.60
N THR A 389 12.23 -20.38 -16.63
CA THR A 389 11.96 -21.67 -16.09
C THR A 389 10.48 -21.82 -15.75
N VAL A 390 10.12 -23.04 -15.48
CA VAL A 390 8.82 -23.42 -14.97
C VAL A 390 9.10 -23.49 -13.49
N ARG A 391 8.15 -23.11 -12.65
CA ARG A 391 8.43 -23.09 -11.23
C ARG A 391 7.29 -23.59 -10.38
N ALA A 392 7.53 -24.58 -9.59
CA ALA A 392 6.58 -25.12 -8.67
C ALA A 392 7.08 -24.66 -7.31
N SER A 393 6.22 -24.06 -6.52
CA SER A 393 6.58 -23.55 -5.23
C SER A 393 5.50 -23.93 -4.25
N PHE A 394 5.91 -24.30 -3.06
CA PHE A 394 5.04 -24.82 -2.05
C PHE A 394 4.76 -24.05 -0.76
N HIS A 395 3.75 -24.52 -0.05
CA HIS A 395 3.45 -24.08 1.29
C HIS A 395 3.01 -25.32 2.09
N VAL A 396 2.83 -25.12 3.37
CA VAL A 396 2.48 -26.19 4.24
C VAL A 396 1.19 -26.94 3.89
N TYR A 397 0.31 -26.30 3.16
CA TYR A 397 -0.93 -26.92 2.75
C TYR A 397 -0.79 -27.84 1.55
N ASN A 398 0.34 -27.82 0.85
CA ASN A 398 0.53 -28.72 -0.28
C ASN A 398 0.86 -30.11 0.27
N SER A 399 0.53 -31.11 -0.50
CA SER A 399 0.60 -32.51 -0.05
C SER A 399 1.46 -33.36 -0.99
N LEU A 400 1.97 -34.46 -0.46
CA LEU A 400 2.72 -35.41 -1.29
C LEU A 400 1.83 -36.03 -2.37
N GLU A 401 0.55 -36.15 -2.08
CA GLU A 401 -0.40 -36.60 -3.10
C GLU A 401 -0.46 -35.68 -4.27
N GLU A 402 -0.40 -34.35 -4.02
CA GLU A 402 -0.39 -33.43 -5.08
C GLU A 402 0.89 -33.53 -5.87
N VAL A 403 2.03 -33.79 -5.19
CA VAL A 403 3.30 -33.87 -5.89
C VAL A 403 3.23 -35.10 -6.83
N GLU A 404 2.60 -36.17 -6.36
CA GLU A 404 2.52 -37.43 -7.16
C GLU A 404 1.61 -37.21 -8.40
N THR A 405 0.53 -36.44 -8.26
CA THR A 405 -0.31 -36.07 -9.41
C THR A 405 0.46 -35.29 -10.40
N PHE A 406 1.21 -34.26 -9.91
CA PHE A 406 2.11 -33.46 -10.66
C PHE A 406 3.14 -34.30 -11.42
N LEU A 407 3.77 -35.23 -10.71
CA LEU A 407 4.78 -36.05 -11.37
C LEU A 407 4.13 -36.99 -12.44
N GLY A 408 2.97 -37.51 -12.16
CA GLY A 408 2.16 -38.23 -13.22
C GLY A 408 1.90 -37.39 -14.43
N VAL A 409 1.55 -36.09 -14.25
CA VAL A 409 1.30 -35.27 -15.37
C VAL A 409 2.59 -34.99 -16.12
N MET A 410 3.68 -34.74 -15.38
CA MET A 410 4.94 -34.42 -16.04
C MET A 410 5.41 -35.68 -16.83
N GLU A 411 5.10 -36.83 -16.32
CA GLU A 411 5.49 -38.06 -16.99
C GLU A 411 4.77 -38.20 -18.33
N GLU A 412 3.46 -37.94 -18.33
CA GLU A 412 2.65 -38.00 -19.54
C GLU A 412 3.15 -36.90 -20.52
N LEU A 413 3.50 -35.70 -20.01
CA LEU A 413 4.03 -34.66 -20.85
C LEU A 413 5.33 -35.07 -21.53
N VAL A 414 6.27 -35.54 -20.72
CA VAL A 414 7.56 -35.98 -21.21
C VAL A 414 7.44 -37.10 -22.26
N LYS A 415 6.62 -38.08 -22.00
CA LYS A 415 6.38 -39.17 -22.94
C LYS A 415 5.66 -38.67 -24.18
N GLY A 416 4.88 -37.64 -24.01
CA GLY A 416 4.19 -37.04 -25.13
C GLY A 416 5.20 -36.36 -26.05
N LEU A 417 6.46 -36.46 -25.69
CA LEU A 417 7.64 -35.94 -26.39
C LEU A 417 7.74 -34.43 -26.49
N MET B 18 -27.30 3.61 -12.59
CA MET B 18 -27.97 3.74 -11.30
C MET B 18 -29.07 2.73 -11.18
N ALA B 19 -29.44 2.44 -9.96
CA ALA B 19 -30.52 1.49 -9.72
C ALA B 19 -31.52 2.16 -8.84
N SER B 20 -32.77 1.74 -8.95
CA SER B 20 -33.86 2.29 -8.17
C SER B 20 -33.64 1.86 -6.76
N MET B 21 -33.57 2.81 -5.87
CA MET B 21 -33.34 2.38 -4.47
C MET B 21 -33.74 3.56 -3.58
N ARG B 22 -34.03 3.31 -2.30
CA ARG B 22 -34.30 4.40 -1.37
C ARG B 22 -33.00 4.86 -0.70
N ILE B 23 -32.86 6.16 -0.58
CA ILE B 23 -31.71 6.79 0.00
C ILE B 23 -32.25 7.53 1.18
N PRO B 24 -31.73 7.37 2.45
CA PRO B 24 -30.59 6.44 2.60
C PRO B 24 -30.85 4.99 2.98
N GLU B 25 -32.08 4.60 3.15
CA GLU B 25 -32.43 3.26 3.60
C GLU B 25 -31.81 2.03 2.94
N ASP B 26 -31.68 2.02 1.65
CA ASP B 26 -31.16 0.83 0.96
C ASP B 26 -29.63 0.74 1.02
N VAL B 27 -28.98 1.87 1.25
CA VAL B 27 -27.53 1.89 1.52
C VAL B 27 -27.26 1.42 2.92
N ARG B 28 -28.02 1.94 3.86
CA ARG B 28 -27.98 1.48 5.24
C ARG B 28 -28.18 0.02 5.48
N LYS B 29 -29.09 -0.64 4.73
CA LYS B 29 -29.25 -2.08 4.76
C LYS B 29 -27.96 -2.87 4.47
N ASP B 30 -27.04 -2.31 3.70
CA ASP B 30 -25.75 -2.95 3.39
C ASP B 30 -24.60 -2.70 4.38
N ILE B 31 -24.85 -1.87 5.41
CA ILE B 31 -23.82 -1.36 6.36
C ILE B 31 -24.30 -1.62 7.77
N PRO B 32 -23.95 -2.78 8.32
CA PRO B 32 -24.46 -3.18 9.62
C PRO B 32 -24.15 -2.21 10.76
N LEU B 33 -23.02 -1.51 10.65
CA LEU B 33 -22.64 -0.56 11.66
C LEU B 33 -23.65 0.58 11.81
N THR B 34 -24.42 0.84 10.78
CA THR B 34 -25.40 1.92 10.86
C THR B 34 -26.50 1.59 11.87
N ASN B 35 -26.60 0.33 12.25
CA ASN B 35 -27.54 -0.12 13.25
C ASN B 35 -26.99 0.05 14.68
N GLU B 36 -25.70 0.31 14.79
CA GLU B 36 -25.03 0.47 16.06
C GLU B 36 -24.60 1.87 16.42
N VAL B 37 -24.21 2.65 15.45
CA VAL B 37 -23.77 3.98 15.72
C VAL B 37 -24.23 4.97 14.67
N ILE B 38 -24.15 6.23 15.00
CA ILE B 38 -24.41 7.30 14.10
C ILE B 38 -23.00 7.71 13.70
N TYR B 39 -22.60 7.32 12.52
CA TYR B 39 -21.24 7.54 12.05
C TYR B 39 -21.08 8.80 11.27
N PHE B 40 -20.53 9.83 11.91
CA PHE B 40 -20.26 11.14 11.32
C PHE B 40 -18.76 11.43 11.22
N ASP B 41 -17.98 10.38 10.95
CA ASP B 41 -16.54 10.57 10.75
C ASP B 41 -16.07 10.05 9.39
N ASN B 42 -16.94 10.26 8.42
CA ASN B 42 -16.67 9.90 7.06
C ASN B 42 -15.46 10.55 6.42
N THR B 43 -15.06 11.72 6.86
CA THR B 43 -13.86 12.30 6.26
C THR B 43 -12.57 11.57 6.67
N ALA B 44 -12.62 10.88 7.80
CA ALA B 44 -11.50 10.10 8.28
C ALA B 44 -11.41 8.85 7.44
N THR B 45 -12.55 8.23 7.26
CA THR B 45 -12.73 7.04 6.50
C THR B 45 -14.22 6.73 6.41
N SER B 46 -14.64 6.10 5.34
CA SER B 46 -16.05 5.75 5.22
C SER B 46 -16.31 4.38 5.80
N LEU B 47 -17.56 4.08 5.98
CA LEU B 47 -18.00 2.79 6.38
C LEU B 47 -17.97 2.01 5.05
N THR B 48 -17.97 0.72 5.11
CA THR B 48 -17.82 -0.13 3.98
C THR B 48 -19.03 -1.06 3.77
N PRO B 49 -19.65 -0.97 2.60
CA PRO B 49 -20.86 -1.82 2.42
C PRO B 49 -20.50 -3.26 2.16
N LYS B 50 -21.38 -4.14 2.61
CA LYS B 50 -21.16 -5.58 2.44
C LYS B 50 -20.77 -6.06 1.05
N PRO B 51 -21.39 -5.49 -0.01
CA PRO B 51 -20.96 -5.94 -1.34
C PRO B 51 -19.46 -5.64 -1.69
N VAL B 52 -18.87 -4.61 -1.08
CA VAL B 52 -17.47 -4.34 -1.26
C VAL B 52 -16.60 -5.40 -0.57
N VAL B 53 -17.00 -5.76 0.65
CA VAL B 53 -16.32 -6.86 1.39
C VAL B 53 -16.49 -8.18 0.62
N GLU B 54 -17.70 -8.38 0.10
CA GLU B 54 -17.95 -9.60 -0.71
C GLU B 54 -17.07 -9.69 -1.90
N ALA B 55 -16.83 -8.58 -2.61
CA ALA B 55 -15.99 -8.66 -3.80
C ALA B 55 -14.56 -9.06 -3.45
N MET B 56 -14.06 -8.49 -2.34
CA MET B 56 -12.72 -8.81 -1.89
C MET B 56 -12.62 -10.22 -1.41
N ASP B 57 -13.64 -10.69 -0.69
CA ASP B 57 -13.63 -12.09 -0.21
C ASP B 57 -13.60 -13.07 -1.38
N GLU B 58 -14.29 -12.71 -2.43
CA GLU B 58 -14.36 -13.53 -3.61
C GLU B 58 -12.93 -13.67 -4.20
N TYR B 59 -12.18 -12.60 -4.20
CA TYR B 59 -10.81 -12.67 -4.70
C TYR B 59 -10.00 -13.64 -3.81
N TYR B 60 -10.04 -13.40 -2.52
CA TYR B 60 -9.24 -14.16 -1.58
C TYR B 60 -9.55 -15.61 -1.51
N LEU B 61 -10.81 -15.92 -1.68
CA LEU B 61 -11.24 -17.32 -1.50
C LEU B 61 -11.50 -18.12 -2.77
N LYS B 62 -11.74 -17.42 -3.85
CA LYS B 62 -12.11 -18.01 -5.13
C LYS B 62 -11.19 -17.86 -6.35
N TYR B 63 -10.38 -16.83 -6.42
CA TYR B 63 -9.45 -16.66 -7.51
C TYR B 63 -8.12 -16.05 -7.06
N ARG B 64 -7.65 -16.48 -5.89
CA ARG B 64 -6.47 -15.94 -5.27
C ARG B 64 -5.26 -16.27 -6.07
N ALA B 65 -4.57 -15.24 -6.52
CA ALA B 65 -3.36 -15.34 -7.31
C ALA B 65 -2.70 -13.97 -7.59
N ASN B 66 -1.46 -14.03 -8.04
CA ASN B 66 -0.77 -12.83 -8.43
C ASN B 66 -1.19 -12.51 -9.87
N VAL B 67 -0.93 -11.31 -10.31
CA VAL B 67 -1.34 -10.88 -11.61
C VAL B 67 -0.23 -11.05 -12.64
N HIS B 68 -0.10 -10.08 -13.51
CA HIS B 68 0.92 -10.07 -14.53
C HIS B 68 0.80 -11.19 -15.54
N ARG B 69 -0.44 -11.51 -15.83
CA ARG B 69 -0.86 -12.52 -16.82
C ARG B 69 -0.15 -13.87 -16.75
N GLY B 70 -0.10 -14.47 -15.58
CA GLY B 70 0.47 -15.77 -15.44
C GLY B 70 -0.36 -16.72 -16.29
N VAL B 71 0.24 -17.82 -16.70
CA VAL B 71 -0.44 -18.75 -17.54
C VAL B 71 -1.63 -19.38 -16.83
N HIS B 72 -1.48 -19.72 -15.59
CA HIS B 72 -2.54 -20.40 -14.89
C HIS B 72 -3.81 -19.63 -14.74
N ARG B 73 -4.87 -20.38 -14.67
CA ARG B 73 -6.19 -19.82 -14.63
C ARG B 73 -6.52 -18.86 -13.52
N LEU B 74 -5.93 -19.09 -12.37
CA LEU B 74 -6.13 -18.21 -11.25
C LEU B 74 -5.49 -16.87 -11.58
N SER B 75 -4.27 -16.86 -12.06
CA SER B 75 -3.61 -15.64 -12.43
C SER B 75 -4.34 -14.97 -13.59
N GLN B 76 -4.86 -15.75 -14.52
CA GLN B 76 -5.62 -15.16 -15.62
C GLN B 76 -6.86 -14.40 -15.06
N MET B 77 -7.55 -14.99 -14.13
CA MET B 77 -8.71 -14.37 -13.54
C MET B 77 -8.36 -13.13 -12.66
N ALA B 78 -7.37 -13.28 -11.80
CA ALA B 78 -6.93 -12.18 -11.00
C ALA B 78 -6.46 -11.03 -11.88
N THR B 79 -5.69 -11.31 -12.91
CA THR B 79 -5.21 -10.31 -13.82
C THR B 79 -6.42 -9.61 -14.52
N HIS B 80 -7.34 -10.40 -15.03
CA HIS B 80 -8.55 -9.82 -15.63
C HIS B 80 -9.27 -8.87 -14.67
N LYS B 81 -9.47 -9.30 -13.43
CA LYS B 81 -10.16 -8.49 -12.46
C LYS B 81 -9.37 -7.23 -12.03
N TYR B 82 -8.05 -7.35 -12.00
CA TYR B 82 -7.18 -6.25 -11.64
C TYR B 82 -7.23 -5.18 -12.77
N GLU B 83 -7.18 -5.66 -14.02
CA GLU B 83 -7.29 -4.76 -15.16
C GLU B 83 -8.67 -4.11 -15.22
N GLU B 84 -9.69 -4.89 -15.01
CA GLU B 84 -11.06 -4.39 -14.92
C GLU B 84 -11.19 -3.28 -13.86
N SER B 85 -10.56 -3.51 -12.71
CA SER B 85 -10.57 -2.54 -11.61
C SER B 85 -9.94 -1.21 -12.04
N ARG B 86 -8.80 -1.29 -12.68
CA ARG B 86 -8.10 -0.10 -13.23
C ARG B 86 -9.00 0.64 -14.24
N LYS B 87 -9.68 -0.11 -15.11
CA LYS B 87 -10.59 0.57 -16.07
C LYS B 87 -11.74 1.27 -15.36
N ILE B 88 -12.28 0.60 -14.36
CA ILE B 88 -13.38 1.18 -13.57
C ILE B 88 -12.91 2.47 -12.90
N VAL B 89 -11.69 2.47 -12.36
CA VAL B 89 -11.12 3.69 -11.75
C VAL B 89 -10.92 4.81 -12.79
N ALA B 90 -10.33 4.48 -13.91
CA ALA B 90 -10.11 5.41 -14.98
C ALA B 90 -11.42 6.09 -15.39
N ASP B 91 -12.48 5.29 -15.58
CA ASP B 91 -13.77 5.82 -16.02
C ASP B 91 -14.44 6.68 -14.93
N PHE B 92 -14.23 6.32 -13.66
CA PHE B 92 -14.75 7.09 -12.54
C PHE B 92 -14.24 8.53 -12.58
N ILE B 93 -13.01 8.75 -13.02
CA ILE B 93 -12.45 10.13 -13.04
C ILE B 93 -12.16 10.68 -14.45
N GLY B 94 -12.61 10.02 -15.48
CA GLY B 94 -12.44 10.51 -16.83
C GLY B 94 -11.09 10.38 -17.42
N ALA B 95 -10.35 9.39 -16.94
CA ALA B 95 -9.05 9.16 -17.43
C ALA B 95 -8.97 7.94 -18.29
N LYS B 96 -7.82 7.76 -18.88
CA LYS B 96 -7.55 6.60 -19.62
C LYS B 96 -6.95 5.55 -18.68
N PHE B 97 -7.08 4.31 -19.08
CA PHE B 97 -6.55 3.19 -18.36
C PHE B 97 -5.08 3.32 -17.94
N GLU B 98 -4.20 3.66 -18.88
CA GLU B 98 -2.81 3.66 -18.62
C GLU B 98 -2.36 4.84 -17.72
N GLU B 99 -3.24 5.80 -17.49
CA GLU B 99 -2.91 6.97 -16.65
C GLU B 99 -3.21 6.73 -15.14
N ILE B 100 -3.70 5.54 -14.80
CA ILE B 100 -4.13 5.27 -13.43
C ILE B 100 -3.06 4.39 -12.79
N VAL B 101 -2.48 4.90 -11.71
CA VAL B 101 -1.43 4.16 -10.94
C VAL B 101 -2.00 3.89 -9.53
N PHE B 102 -1.88 2.66 -9.07
CA PHE B 102 -2.35 2.31 -7.67
C PHE B 102 -1.19 2.50 -6.69
N THR B 103 -1.59 3.09 -5.55
CA THR B 103 -0.70 3.46 -4.44
C THR B 103 -1.42 2.97 -3.16
N LYS B 104 -0.82 3.20 -1.98
CA LYS B 104 -1.49 2.81 -0.72
C LYS B 104 -2.53 3.81 -0.26
N ASN B 105 -2.37 5.07 -0.61
CA ASN B 105 -3.27 6.14 -0.18
C ASN B 105 -2.90 7.46 -0.93
N THR B 106 -3.73 8.46 -0.72
CA THR B 106 -3.45 9.78 -1.23
C THR B 106 -2.10 10.31 -0.81
N SER B 107 -1.73 10.10 0.45
CA SER B 107 -0.43 10.63 0.89
C SER B 107 0.72 10.08 0.08
N GLU B 108 0.74 8.76 -0.18
CA GLU B 108 1.77 8.18 -1.00
C GLU B 108 1.75 8.84 -2.42
N SER B 109 0.56 8.94 -2.99
CA SER B 109 0.35 9.54 -4.27
C SER B 109 1.02 10.90 -4.33
N LEU B 110 0.69 11.76 -3.41
CA LEU B 110 1.25 13.10 -3.39
C LEU B 110 2.78 13.11 -3.23
N ASN B 111 3.26 12.28 -2.35
CA ASN B 111 4.69 12.15 -2.18
C ASN B 111 5.35 11.71 -3.47
N LEU B 112 4.75 10.78 -4.17
CA LEU B 112 5.29 10.29 -5.44
C LEU B 112 5.42 11.39 -6.51
N VAL B 113 4.44 12.26 -6.59
CA VAL B 113 4.45 13.42 -7.48
C VAL B 113 5.68 14.25 -7.21
N ALA B 114 5.84 14.60 -5.96
CA ALA B 114 6.93 15.47 -5.60
C ALA B 114 8.24 14.78 -5.88
N LEU B 115 8.38 13.50 -5.53
CA LEU B 115 9.63 12.80 -5.78
C LEU B 115 9.92 12.62 -7.26
N GLY B 116 8.89 12.34 -8.00
CA GLY B 116 8.96 11.98 -9.43
C GLY B 116 9.16 13.21 -10.31
N LEU B 117 8.74 14.37 -9.83
CA LEU B 117 8.97 15.59 -10.58
C LEU B 117 10.15 16.41 -10.10
N GLY B 118 10.75 16.00 -8.97
CA GLY B 118 11.89 16.73 -8.41
C GLY B 118 12.93 17.16 -9.42
N HIS B 119 13.29 16.27 -10.33
CA HIS B 119 14.33 16.57 -11.29
C HIS B 119 14.09 17.71 -12.29
N ILE B 120 12.87 18.17 -12.43
CA ILE B 120 12.56 19.19 -13.37
C ILE B 120 12.72 20.62 -12.84
N PHE B 121 12.90 20.74 -11.54
CA PHE B 121 12.99 22.01 -10.91
C PHE B 121 14.40 22.58 -10.87
N LYS B 122 14.46 23.88 -10.90
CA LYS B 122 15.71 24.58 -10.75
C LYS B 122 15.55 25.62 -9.67
N ARG B 123 16.68 25.97 -9.06
CA ARG B 123 16.70 26.92 -7.98
C ARG B 123 15.90 28.15 -8.33
N GLY B 124 15.05 28.57 -7.44
CA GLY B 124 14.27 29.71 -7.72
C GLY B 124 12.96 29.53 -8.43
N ASP B 125 12.69 28.35 -8.98
CA ASP B 125 11.36 28.06 -9.44
C ASP B 125 10.37 28.13 -8.30
N LYS B 126 9.14 28.32 -8.66
CA LYS B 126 8.07 28.54 -7.75
C LYS B 126 6.96 27.43 -7.77
N ILE B 127 6.51 27.10 -6.57
CA ILE B 127 5.37 26.21 -6.34
C ILE B 127 4.37 27.00 -5.57
N VAL B 128 3.10 26.83 -5.92
CA VAL B 128 2.04 27.49 -5.24
C VAL B 128 1.05 26.52 -4.72
N THR B 129 0.56 26.76 -3.52
CA THR B 129 -0.52 25.97 -2.97
C THR B 129 -1.46 26.83 -2.14
N THR B 130 -2.43 26.22 -1.47
CA THR B 130 -3.36 26.91 -0.60
C THR B 130 -2.86 26.84 0.84
N PRO B 131 -3.36 27.69 1.69
CA PRO B 131 -2.97 27.66 3.10
C PRO B 131 -3.79 26.64 3.87
N TYR B 132 -4.77 26.02 3.23
CA TYR B 132 -5.62 25.09 3.90
C TYR B 132 -5.30 23.60 3.67
N GLU B 133 -4.21 23.33 3.03
CA GLU B 133 -3.89 21.97 2.69
C GLU B 133 -3.76 21.00 3.85
N HIS B 134 -4.12 19.76 3.62
CA HIS B 134 -3.95 18.70 4.57
C HIS B 134 -2.38 18.51 4.59
N HIS B 135 -1.80 18.03 5.68
CA HIS B 135 -0.33 17.85 5.73
C HIS B 135 0.30 17.08 4.58
N SER B 136 -0.42 16.09 4.06
CA SER B 136 0.07 15.27 2.96
C SER B 136 0.23 16.05 1.66
N ASP B 137 -0.54 17.10 1.52
CA ASP B 137 -0.42 17.98 0.35
C ASP B 137 0.37 19.24 0.67
N LEU B 138 1.15 19.22 1.72
CA LEU B 138 1.93 20.38 2.12
C LEU B 138 3.38 20.00 2.32
N LEU B 139 3.62 19.04 3.18
CA LEU B 139 4.97 18.60 3.48
C LEU B 139 5.80 18.18 2.32
N PRO B 140 5.25 17.38 1.35
CA PRO B 140 6.14 17.04 0.21
C PRO B 140 6.69 18.28 -0.56
N TRP B 141 5.87 19.32 -0.68
CA TRP B 141 6.22 20.58 -1.34
C TRP B 141 7.23 21.37 -0.50
N GLN B 142 7.01 21.43 0.80
CA GLN B 142 7.95 22.08 1.70
C GLN B 142 9.32 21.42 1.59
N ARG B 143 9.37 20.09 1.62
CA ARG B 143 10.62 19.40 1.54
C ARG B 143 11.29 19.68 0.24
N LEU B 144 10.55 19.56 -0.85
CA LEU B 144 11.10 19.83 -2.19
C LEU B 144 11.69 21.24 -2.26
N ALA B 145 10.94 22.19 -1.72
CA ALA B 145 11.31 23.61 -1.75
C ALA B 145 12.61 23.81 -0.97
N THR B 146 12.71 23.17 0.20
CA THR B 146 13.96 23.17 1.02
C THR B 146 15.12 22.54 0.32
N LYS B 147 14.94 21.33 -0.24
CA LYS B 147 16.03 20.66 -0.88
C LYS B 147 16.60 21.39 -2.10
N LEU B 148 15.71 21.90 -2.88
CA LEU B 148 16.07 22.51 -4.14
C LEU B 148 16.15 24.02 -4.19
N GLY B 149 15.81 24.68 -3.11
CA GLY B 149 15.82 26.11 -3.07
C GLY B 149 14.74 26.75 -3.94
N LEU B 150 13.51 26.34 -3.73
CA LEU B 150 12.40 26.89 -4.47
C LEU B 150 11.56 27.78 -3.62
N LYS B 151 10.71 28.54 -4.29
CA LYS B 151 9.80 29.41 -3.60
C LYS B 151 8.48 28.72 -3.42
N LEU B 152 7.99 28.64 -2.20
CA LEU B 152 6.73 28.02 -2.00
C LEU B 152 5.80 29.13 -1.54
N GLU B 153 4.81 29.48 -2.35
CA GLU B 153 3.89 30.53 -2.00
C GLU B 153 2.50 30.00 -1.83
N PHE B 154 1.74 30.71 -1.04
CA PHE B 154 0.41 30.33 -0.75
C PHE B 154 -0.58 31.38 -1.22
N ILE B 155 -1.67 30.94 -1.84
CA ILE B 155 -2.74 31.83 -2.28
C ILE B 155 -3.46 32.40 -1.05
N GLU B 156 -3.74 33.69 -1.02
CA GLU B 156 -4.46 34.26 0.09
C GLU B 156 -5.86 33.76 0.11
N GLY B 157 -6.45 33.73 1.27
CA GLY B 157 -7.85 33.39 1.41
C GLY B 157 -8.30 33.70 2.78
N ASP B 158 -9.60 33.59 2.98
CA ASP B 158 -10.23 33.89 4.22
C ASP B 158 -10.37 32.72 5.15
N ASP B 159 -10.95 32.99 6.32
CA ASP B 159 -11.16 32.07 7.42
C ASP B 159 -12.22 31.04 7.16
N GLU B 160 -13.00 31.27 6.12
CA GLU B 160 -14.00 30.34 5.76
C GLU B 160 -13.45 29.31 4.79
N GLY B 161 -12.30 29.58 4.20
CA GLY B 161 -11.74 28.67 3.18
C GLY B 161 -11.81 29.24 1.78
N ASN B 162 -12.49 30.36 1.60
CA ASN B 162 -12.55 30.97 0.28
C ASN B 162 -11.27 31.56 -0.21
N LEU B 163 -10.78 31.09 -1.33
CA LEU B 163 -9.58 31.63 -1.91
C LEU B 163 -9.86 32.96 -2.63
N ASP B 164 -8.83 33.80 -2.67
CA ASP B 164 -8.84 35.06 -3.36
C ASP B 164 -8.35 34.75 -4.75
N LEU B 165 -9.29 34.64 -5.69
CA LEU B 165 -8.93 34.33 -7.06
C LEU B 165 -8.04 35.36 -7.73
N SER B 166 -8.16 36.65 -7.37
CA SER B 166 -7.17 37.65 -7.92
C SER B 166 -5.76 37.38 -7.53
N ASP B 167 -5.61 37.07 -6.26
CA ASP B 167 -4.29 36.70 -5.73
C ASP B 167 -3.80 35.41 -6.37
N ALA B 168 -4.71 34.45 -6.55
CA ALA B 168 -4.37 33.20 -7.26
C ALA B 168 -3.78 33.49 -8.63
N GLU B 169 -4.47 34.37 -9.38
CA GLU B 169 -3.89 34.83 -10.67
C GLU B 169 -2.51 35.39 -10.55
N LYS B 170 -2.29 36.25 -9.55
CA LYS B 170 -0.94 36.84 -9.36
C LYS B 170 0.08 35.77 -9.00
N LYS B 171 -0.27 34.91 -8.06
CA LYS B 171 0.72 33.90 -7.61
C LYS B 171 1.03 32.82 -8.62
N ILE B 172 0.00 32.40 -9.37
CA ILE B 172 0.21 31.29 -10.33
C ILE B 172 1.02 31.76 -11.52
N LYS B 173 1.03 33.06 -11.83
CA LYS B 173 1.89 33.50 -12.91
C LYS B 173 3.33 33.25 -12.52
N GLY B 174 4.10 32.62 -13.40
CA GLY B 174 5.49 32.28 -13.19
C GLY B 174 5.69 30.97 -12.39
N ALA B 175 4.62 30.33 -11.96
CA ALA B 175 4.71 29.11 -11.16
C ALA B 175 5.02 27.95 -12.07
N LYS B 176 5.89 27.07 -11.59
CA LYS B 176 6.22 25.89 -12.24
C LYS B 176 5.17 24.82 -11.92
N LEU B 177 4.59 24.86 -10.70
CA LEU B 177 3.70 23.79 -10.26
C LEU B 177 2.74 24.35 -9.28
N VAL B 178 1.50 23.98 -9.43
CA VAL B 178 0.46 24.42 -8.53
C VAL B 178 -0.24 23.17 -7.97
N ALA B 179 -0.46 23.14 -6.67
CA ALA B 179 -1.08 22.04 -6.02
C ALA B 179 -2.19 22.52 -5.14
N VAL B 180 -3.36 21.96 -5.33
CA VAL B 180 -4.48 22.35 -4.54
C VAL B 180 -5.41 21.22 -4.16
N GLN B 181 -6.08 21.36 -3.04
CA GLN B 181 -7.03 20.40 -2.60
C GLN B 181 -8.35 20.72 -3.27
N HIS B 182 -9.12 19.71 -3.58
CA HIS B 182 -10.41 19.91 -4.16
C HIS B 182 -11.38 20.39 -3.08
N VAL B 183 -11.40 19.72 -1.95
CA VAL B 183 -12.28 20.00 -0.84
C VAL B 183 -11.39 19.95 0.43
N SER B 184 -11.65 20.86 1.35
CA SER B 184 -10.91 20.87 2.65
C SER B 184 -11.53 19.89 3.62
N ASN B 185 -10.67 19.03 4.15
CA ASN B 185 -11.07 18.13 5.18
C ASN B 185 -11.34 18.78 6.53
N ALA B 186 -10.77 19.95 6.80
CA ALA B 186 -10.98 20.65 8.08
C ALA B 186 -12.18 21.61 8.00
N LEU B 187 -12.31 22.36 6.91
CA LEU B 187 -13.36 23.35 6.74
C LEU B 187 -14.57 22.94 5.90
N GLY B 188 -14.38 22.00 4.99
CA GLY B 188 -15.44 21.60 4.13
C GLY B 188 -15.60 22.50 2.88
N VAL B 189 -14.72 23.46 2.70
CA VAL B 189 -14.78 24.32 1.55
C VAL B 189 -14.46 23.56 0.27
N ILE B 190 -15.25 23.82 -0.77
CA ILE B 190 -15.08 23.28 -2.09
C ILE B 190 -14.43 24.36 -2.94
N HIS B 191 -13.18 24.21 -3.28
CA HIS B 191 -12.53 25.21 -4.06
C HIS B 191 -12.90 25.23 -5.57
N GLU B 192 -12.60 26.36 -6.18
CA GLU B 192 -12.88 26.60 -7.58
C GLU B 192 -11.79 25.97 -8.40
N VAL B 193 -11.68 24.64 -8.32
CA VAL B 193 -10.60 23.92 -8.95
C VAL B 193 -10.54 24.04 -10.44
N GLU B 194 -11.71 24.12 -11.03
CA GLU B 194 -11.80 24.29 -12.53
C GLU B 194 -11.13 25.59 -12.91
N GLU B 195 -11.54 26.64 -12.22
CA GLU B 195 -10.95 28.02 -12.46
C GLU B 195 -9.44 28.08 -12.18
N LEU B 196 -9.01 27.48 -11.07
CA LEU B 196 -7.59 27.43 -10.75
C LEU B 196 -6.77 26.68 -11.74
N GLY B 197 -7.30 25.56 -12.19
CA GLY B 197 -6.63 24.78 -13.19
C GLY B 197 -6.48 25.48 -14.55
N LYS B 198 -7.51 26.22 -14.98
CA LYS B 198 -7.48 27.03 -16.20
C LYS B 198 -6.35 28.04 -16.09
N ILE B 199 -6.31 28.69 -14.93
CA ILE B 199 -5.20 29.65 -14.66
C ILE B 199 -3.85 29.01 -14.73
N ALA B 200 -3.70 27.85 -14.05
CA ALA B 200 -2.45 27.16 -14.10
C ALA B 200 -2.05 26.81 -15.47
N LYS B 201 -2.98 26.25 -16.23
CA LYS B 201 -2.63 25.82 -17.60
C LYS B 201 -2.31 27.05 -18.49
N ASP B 202 -3.08 28.13 -18.37
CA ASP B 202 -2.74 29.40 -19.06
C ASP B 202 -1.34 29.87 -18.77
N GLU B 203 -0.89 29.72 -17.53
CA GLU B 203 0.43 30.15 -17.14
C GLU B 203 1.55 29.15 -17.34
N GLY B 204 1.22 27.98 -17.80
CA GLY B 204 2.23 27.00 -18.11
C GLY B 204 2.75 26.24 -16.90
N ALA B 205 1.93 26.16 -15.88
CA ALA B 205 2.26 25.45 -14.67
C ALA B 205 1.65 24.02 -14.66
N ILE B 206 2.30 23.12 -13.97
CA ILE B 206 1.79 21.77 -13.77
C ILE B 206 0.69 21.89 -12.70
N PHE B 207 -0.43 21.23 -12.89
CA PHE B 207 -1.54 21.34 -11.95
C PHE B 207 -1.79 19.99 -11.24
N VAL B 208 -1.72 20.02 -9.94
CA VAL B 208 -1.86 18.83 -9.13
C VAL B 208 -3.01 18.98 -8.21
N VAL B 209 -3.88 17.98 -8.18
CA VAL B 209 -5.03 18.05 -7.36
C VAL B 209 -5.18 16.99 -6.28
N ASP B 210 -5.44 17.40 -5.07
CA ASP B 210 -5.64 16.50 -3.95
C ASP B 210 -7.15 16.33 -3.87
N ALA B 211 -7.65 15.24 -4.43
CA ALA B 211 -9.07 14.90 -4.42
C ALA B 211 -9.54 13.95 -3.33
N ALA B 212 -8.72 13.77 -2.32
CA ALA B 212 -9.02 12.83 -1.27
C ALA B 212 -10.39 13.02 -0.67
N GLN B 213 -10.80 14.24 -0.49
CA GLN B 213 -12.08 14.51 0.12
C GLN B 213 -13.27 14.66 -0.85
N SER B 214 -13.00 14.80 -2.13
CA SER B 214 -14.11 14.96 -3.07
C SER B 214 -14.50 13.61 -3.69
N ALA B 215 -13.52 12.72 -3.91
CA ALA B 215 -13.85 11.47 -4.60
C ALA B 215 -14.95 10.70 -3.90
N GLY B 216 -15.94 10.27 -4.66
CA GLY B 216 -17.07 9.57 -4.11
C GLY B 216 -18.19 10.39 -3.48
N HIS B 217 -17.94 11.70 -3.33
CA HIS B 217 -18.96 12.59 -2.77
C HIS B 217 -19.50 13.58 -3.83
N MET B 218 -18.77 13.76 -4.90
CA MET B 218 -19.12 14.66 -5.95
C MET B 218 -18.26 14.34 -7.14
N GLU B 219 -18.61 14.88 -8.29
CA GLU B 219 -17.87 14.61 -9.48
C GLU B 219 -16.42 15.04 -9.44
N VAL B 220 -15.58 14.13 -9.86
CA VAL B 220 -14.17 14.35 -9.97
C VAL B 220 -13.79 13.89 -11.38
N ASN B 221 -13.44 14.84 -12.22
CA ASN B 221 -13.11 14.60 -13.61
C ASN B 221 -11.85 15.32 -13.96
N VAL B 222 -10.87 14.56 -14.39
CA VAL B 222 -9.59 15.07 -14.65
C VAL B 222 -9.55 16.11 -15.77
N LYS B 223 -10.46 15.91 -16.72
CA LYS B 223 -10.45 16.83 -17.93
C LYS B 223 -11.04 18.15 -17.50
N LYS B 224 -12.14 18.11 -16.76
CA LYS B 224 -12.77 19.34 -16.25
C LYS B 224 -11.91 20.16 -15.28
N LEU B 225 -11.16 19.42 -14.44
CA LEU B 225 -10.23 20.03 -13.50
C LEU B 225 -8.92 20.44 -14.04
N HIS B 226 -8.61 20.06 -15.25
CA HIS B 226 -7.34 20.40 -15.86
C HIS B 226 -6.16 19.79 -15.14
N ALA B 227 -6.37 18.67 -14.54
CA ALA B 227 -5.33 18.00 -13.81
C ALA B 227 -4.28 17.35 -14.63
N ASP B 228 -3.05 17.49 -14.18
CA ASP B 228 -1.90 16.81 -14.72
C ASP B 228 -1.59 15.60 -13.78
N PHE B 229 -1.91 15.76 -12.51
CA PHE B 229 -1.78 14.72 -11.49
C PHE B 229 -2.95 14.88 -10.54
N LEU B 230 -3.51 13.80 -10.06
CA LEU B 230 -4.60 13.85 -9.16
C LEU B 230 -4.51 12.62 -8.27
N ALA B 231 -4.83 12.80 -7.02
CA ALA B 231 -4.77 11.74 -6.05
C ALA B 231 -6.04 11.63 -5.27
N PHE B 232 -6.37 10.41 -4.91
CA PHE B 232 -7.47 10.12 -4.03
C PHE B 232 -7.25 8.78 -3.30
N SER B 233 -8.04 8.58 -2.28
CA SER B 233 -7.99 7.41 -1.43
C SER B 233 -9.25 6.56 -1.49
N GLY B 234 -9.07 5.26 -1.68
CA GLY B 234 -10.19 4.38 -1.73
C GLY B 234 -11.06 4.27 -0.50
N HIS B 235 -10.47 4.41 0.67
CA HIS B 235 -11.16 4.24 1.92
C HIS B 235 -12.06 5.39 2.37
N1 LLP B 236 -5.94 15.24 1.64
C2 LLP B 236 -7.16 15.47 2.07
C2' LLP B 236 -7.87 16.72 1.65
C3 LLP B 236 -7.80 14.49 2.95
O3 LLP B 236 -9.01 14.63 3.44
C4 LLP B 236 -7.03 13.29 3.29
C4' LLP B 236 -7.61 12.28 4.21
C5 LLP B 236 -5.68 13.18 2.77
C6 LLP B 236 -5.21 14.18 1.96
C5' LLP B 236 -4.82 11.97 3.10
OP4 LLP B 236 -5.42 10.74 2.79
P LLP B 236 -4.78 9.38 3.24
OP1 LLP B 236 -3.46 9.31 2.74
OP2 LLP B 236 -5.61 8.43 2.65
OP3 LLP B 236 -4.84 9.39 4.68
N LLP B 236 -12.04 6.48 1.63
CA LLP B 236 -12.88 7.60 1.96
CB LLP B 236 -12.13 8.92 1.86
CG LLP B 236 -11.09 9.06 2.95
CD LLP B 236 -10.20 10.23 2.68
CE LLP B 236 -9.26 10.50 3.84
NZ LLP B 236 -8.90 11.87 3.86
C LLP B 236 -14.19 7.54 1.17
O LLP B 236 -14.82 6.54 1.19
N GLY B 237 -14.55 8.58 0.49
CA GLY B 237 -15.79 8.61 -0.27
C GLY B 237 -16.09 7.45 -1.22
N PRO B 238 -15.10 6.88 -1.90
CA PRO B 238 -15.43 5.75 -2.80
C PRO B 238 -15.91 4.44 -2.12
N MET B 239 -15.94 4.42 -0.80
CA MET B 239 -16.44 3.28 -0.05
C MET B 239 -15.65 2.00 -0.32
N GLY B 240 -14.39 2.18 -0.56
CA GLY B 240 -13.47 1.07 -0.78
C GLY B 240 -12.71 0.71 0.50
N PRO B 241 -11.81 -0.25 0.36
CA PRO B 241 -11.02 -0.71 1.53
C PRO B 241 -9.86 0.25 1.81
N THR B 242 -9.19 0.04 2.94
CA THR B 242 -7.94 0.72 3.24
C THR B 242 -6.85 0.13 2.37
N GLY B 243 -5.73 0.83 2.34
CA GLY B 243 -4.52 0.39 1.66
C GLY B 243 -4.59 0.52 0.13
N ILE B 244 -5.57 1.28 -0.40
CA ILE B 244 -5.58 1.48 -1.85
C ILE B 244 -5.84 2.96 -2.12
N GLY B 245 -4.94 3.53 -2.87
CA GLY B 245 -4.98 4.88 -3.32
C GLY B 245 -4.77 4.93 -4.82
N VAL B 246 -5.01 6.10 -5.38
CA VAL B 246 -4.85 6.30 -6.80
C VAL B 246 -4.00 7.54 -7.07
N LEU B 247 -3.19 7.44 -8.10
CA LEU B 247 -2.40 8.54 -8.59
C LEU B 247 -2.68 8.54 -10.09
N TYR B 248 -3.27 9.62 -10.57
CA TYR B 248 -3.54 9.82 -11.97
C TYR B 248 -2.37 10.61 -12.47
N ILE B 249 -1.79 10.19 -13.56
CA ILE B 249 -0.66 10.83 -14.24
C ILE B 249 -1.06 11.04 -15.72
N ARG B 250 -1.33 12.29 -16.10
CA ARG B 250 -1.74 12.62 -17.50
C ARG B 250 -0.64 12.15 -18.42
N GLU B 251 -1.05 11.52 -19.53
CA GLU B 251 -0.13 10.89 -20.46
C GLU B 251 0.99 11.76 -20.92
N GLU B 252 0.73 13.02 -20.99
CA GLU B 252 1.78 13.97 -21.38
C GLU B 252 3.05 13.86 -20.51
N PHE B 253 2.89 13.44 -19.25
CA PHE B 253 4.00 13.33 -18.29
C PHE B 253 4.63 12.00 -18.12
N PHE B 254 4.23 11.02 -18.95
CA PHE B 254 4.67 9.69 -18.82
C PHE B 254 6.17 9.55 -18.92
N ASP B 255 6.82 10.27 -19.82
CA ASP B 255 8.26 10.11 -19.98
C ASP B 255 9.03 11.17 -19.12
N THR B 256 8.31 12.14 -18.57
CA THR B 256 8.86 13.18 -17.67
C THR B 256 8.93 12.71 -16.21
N PHE B 257 7.88 12.02 -15.76
CA PHE B 257 7.78 11.53 -14.37
C PHE B 257 8.75 10.39 -14.09
N GLU B 258 9.68 10.57 -13.17
CA GLU B 258 10.68 9.56 -12.92
C GLU B 258 10.04 8.63 -11.81
N PRO B 259 9.91 7.32 -12.07
CA PRO B 259 9.20 6.49 -11.08
C PRO B 259 9.98 6.43 -9.78
N PRO B 260 9.35 6.90 -8.65
CA PRO B 260 10.16 6.85 -7.41
C PRO B 260 10.42 5.44 -6.89
N LEU B 261 9.51 4.51 -7.18
CA LEU B 261 9.68 3.10 -6.78
C LEU B 261 9.79 2.20 -7.97
N ILE B 262 10.85 1.41 -8.00
CA ILE B 262 11.10 0.54 -9.14
C ILE B 262 11.50 -0.84 -8.69
N GLY B 263 11.31 -1.81 -9.56
CA GLY B 263 11.58 -3.15 -9.21
C GLY B 263 10.76 -4.11 -9.98
N GLY B 264 10.33 -5.18 -9.30
CA GLY B 264 9.41 -6.18 -9.87
C GLY B 264 8.21 -5.55 -10.58
N GLY B 265 7.95 -6.01 -11.78
CA GLY B 265 6.85 -5.52 -12.57
C GLY B 265 6.99 -4.21 -13.32
N THR B 266 8.05 -3.47 -13.09
CA THR B 266 8.25 -2.20 -13.78
C THR B 266 9.26 -2.21 -14.96
N ILE B 267 9.75 -3.39 -15.31
CA ILE B 267 10.78 -3.53 -16.30
C ILE B 267 10.50 -4.29 -17.58
N GLU B 268 11.30 -3.97 -18.58
CA GLU B 268 11.25 -4.64 -19.84
C GLU B 268 12.47 -5.54 -19.87
N ASP B 269 13.57 -5.08 -19.31
CA ASP B 269 14.78 -5.86 -19.24
C ASP B 269 15.73 -5.40 -18.14
N VAL B 270 16.46 -6.35 -17.62
CA VAL B 270 17.43 -6.15 -16.60
C VAL B 270 18.63 -7.06 -16.77
N SER B 271 19.76 -6.54 -16.33
CA SER B 271 20.96 -7.28 -16.31
C SER B 271 21.73 -6.76 -15.09
N LEU B 272 22.77 -7.43 -14.70
CA LEU B 272 23.56 -6.97 -13.59
C LEU B 272 24.03 -5.53 -13.74
N ASP B 273 24.23 -5.08 -14.97
CA ASP B 273 24.72 -3.74 -15.20
C ASP B 273 23.70 -2.70 -15.56
N GLY B 274 22.42 -3.00 -15.47
CA GLY B 274 21.42 -1.99 -15.79
C GLY B 274 19.99 -2.44 -16.01
N TYR B 275 19.14 -1.52 -16.38
CA TYR B 275 17.73 -1.89 -16.57
C TYR B 275 17.10 -0.98 -17.53
N LYS B 276 15.98 -1.43 -18.06
CA LYS B 276 15.06 -0.66 -18.88
C LYS B 276 13.59 -0.83 -18.39
N LEU B 277 12.91 0.26 -18.15
CA LEU B 277 11.54 0.19 -17.63
C LEU B 277 10.53 -0.09 -18.73
N THR B 278 9.44 -0.71 -18.33
CA THR B 278 8.31 -0.96 -19.18
C THR B 278 7.41 0.27 -19.36
N GLU B 279 6.28 0.07 -20.00
CA GLU B 279 5.41 1.15 -20.30
C GLU B 279 4.43 1.38 -19.15
N PRO B 280 3.86 2.59 -19.09
CA PRO B 280 2.83 2.85 -18.10
C PRO B 280 1.60 2.05 -18.38
N PRO B 281 0.79 1.72 -17.36
CA PRO B 281 0.99 2.13 -15.97
C PRO B 281 1.92 1.24 -15.13
N GLU B 282 2.29 0.06 -15.62
CA GLU B 282 3.15 -0.85 -14.90
C GLU B 282 4.51 -0.27 -14.55
N ARG B 283 4.97 0.64 -15.36
CA ARG B 283 6.22 1.31 -15.12
C ARG B 283 6.27 1.96 -13.74
N PHE B 284 5.13 2.36 -13.23
CA PHE B 284 5.06 3.06 -11.97
C PHE B 284 4.59 2.25 -10.75
N GLU B 285 4.35 0.96 -10.92
CA GLU B 285 3.77 0.10 -9.87
C GLU B 285 4.78 -0.94 -9.54
N ALA B 286 5.56 -0.72 -8.48
CA ALA B 286 6.64 -1.66 -8.13
C ALA B 286 6.13 -2.70 -7.15
N GLY B 287 6.38 -3.93 -7.52
CA GLY B 287 6.04 -5.12 -6.75
C GLY B 287 4.58 -5.50 -6.90
N THR B 288 4.23 -6.63 -6.28
CA THR B 288 2.82 -7.12 -6.31
C THR B 288 1.87 -5.99 -5.80
N PRO B 289 0.91 -5.62 -6.61
CA PRO B 289 -0.03 -4.56 -6.22
C PRO B 289 -1.03 -5.02 -5.15
N ASN B 290 -1.81 -4.11 -4.61
CA ASN B 290 -2.81 -4.48 -3.66
C ASN B 290 -4.02 -4.98 -4.50
N ILE B 291 -3.88 -6.17 -5.03
CA ILE B 291 -4.90 -6.75 -5.88
C ILE B 291 -6.25 -6.75 -5.22
N GLY B 292 -6.31 -7.27 -4.03
CA GLY B 292 -7.56 -7.26 -3.22
C GLY B 292 -8.17 -5.86 -3.08
N GLY B 293 -7.30 -4.90 -2.79
CA GLY B 293 -7.73 -3.54 -2.54
C GLY B 293 -8.24 -2.87 -3.80
N ALA B 294 -7.57 -3.11 -4.93
CA ALA B 294 -8.06 -2.56 -6.23
C ALA B 294 -9.42 -3.12 -6.65
N ILE B 295 -9.63 -4.42 -6.41
CA ILE B 295 -10.87 -5.07 -6.66
C ILE B 295 -11.95 -4.53 -5.72
N GLY B 296 -11.60 -4.33 -4.44
CA GLY B 296 -12.50 -3.69 -3.55
C GLY B 296 -12.86 -2.25 -3.91
N LEU B 297 -11.88 -1.47 -4.33
CA LEU B 297 -12.11 -0.11 -4.71
C LEU B 297 -13.05 -0.06 -5.92
N ALA B 298 -12.76 -0.91 -6.90
CA ALA B 298 -13.68 -1.00 -8.06
C ALA B 298 -15.10 -1.36 -7.69
N ALA B 299 -15.25 -2.27 -6.72
CA ALA B 299 -16.54 -2.61 -6.17
C ALA B 299 -17.21 -1.42 -5.52
N GLY B 300 -16.43 -0.66 -4.75
CA GLY B 300 -17.01 0.56 -4.18
C GLY B 300 -17.47 1.61 -5.20
N ILE B 301 -16.66 1.81 -6.21
CA ILE B 301 -16.97 2.76 -7.31
C ILE B 301 -18.25 2.29 -8.03
N ARG B 302 -18.35 0.98 -8.32
CA ARG B 302 -19.60 0.40 -8.89
C ARG B 302 -20.77 0.60 -7.97
N TYR B 303 -20.58 0.47 -6.65
CA TYR B 303 -21.66 0.69 -5.69
C TYR B 303 -22.10 2.18 -5.71
N ILE B 304 -21.11 3.06 -5.67
CA ILE B 304 -21.36 4.51 -5.74
C ILE B 304 -22.15 4.86 -7.03
N GLU B 305 -21.74 4.29 -8.13
CA GLU B 305 -22.36 4.55 -9.40
C GLU B 305 -23.81 4.06 -9.44
N ARG B 306 -24.10 2.96 -8.79
CA ARG B 306 -25.46 2.49 -8.70
C ARG B 306 -26.29 3.51 -7.95
N ILE B 307 -25.74 4.11 -6.89
CA ILE B 307 -26.48 5.13 -6.14
C ILE B 307 -26.67 6.35 -7.00
N GLY B 308 -25.54 6.81 -7.53
CA GLY B 308 -25.36 7.93 -8.40
C GLY B 308 -24.78 9.09 -7.64
N LEU B 309 -23.72 9.70 -8.16
CA LEU B 309 -23.08 10.84 -7.44
C LEU B 309 -24.06 12.00 -7.20
N GLY B 310 -25.05 12.14 -8.09
CA GLY B 310 -26.04 13.15 -7.96
C GLY B 310 -26.80 12.95 -6.70
N ARG B 311 -27.30 11.74 -6.44
CA ARG B 311 -28.08 11.46 -5.27
C ARG B 311 -27.22 11.57 -3.99
N ILE B 312 -25.93 11.23 -4.11
CA ILE B 312 -25.02 11.38 -2.99
C ILE B 312 -24.91 12.84 -2.58
N GLU B 313 -24.49 13.68 -3.49
CA GLU B 313 -24.35 15.14 -3.28
C GLU B 313 -25.64 15.76 -2.71
N ARG B 314 -26.80 15.33 -3.22
CA ARG B 314 -28.11 15.86 -2.68
C ARG B 314 -28.41 15.44 -1.26
N GLN B 315 -28.10 14.18 -0.94
CA GLN B 315 -28.35 13.70 0.39
C GLN B 315 -27.42 14.45 1.35
N GLU B 316 -26.18 14.61 0.95
CA GLU B 316 -25.22 15.29 1.82
C GLU B 316 -25.60 16.74 2.03
N HIS B 317 -26.00 17.44 0.95
CA HIS B 317 -26.40 18.87 1.10
C HIS B 317 -27.54 18.98 2.09
N LYS B 318 -28.50 18.08 2.04
CA LYS B 318 -29.55 18.11 3.04
C LYS B 318 -29.04 18.02 4.45
N LEU B 319 -28.07 17.12 4.68
CA LEU B 319 -27.58 16.91 6.04
C LEU B 319 -26.81 18.13 6.54
N VAL B 320 -25.99 18.73 5.69
CA VAL B 320 -25.25 19.92 6.01
C VAL B 320 -26.18 21.10 6.28
N LYS B 321 -27.21 21.23 5.47
CA LYS B 321 -28.13 22.33 5.62
C LYS B 321 -28.81 22.25 6.96
N ARG B 322 -29.35 21.11 7.30
CA ARG B 322 -30.03 20.95 8.57
C ARG B 322 -29.07 21.06 9.74
N THR B 323 -27.88 20.52 9.58
CA THR B 323 -26.90 20.62 10.64
C THR B 323 -26.53 22.07 10.95
N THR B 324 -26.11 22.81 9.93
CA THR B 324 -25.69 24.20 10.06
C THR B 324 -26.88 25.09 10.57
N GLU B 325 -28.08 24.90 10.03
CA GLU B 325 -29.27 25.57 10.60
C GLU B 325 -29.50 25.23 12.09
N GLY B 326 -29.43 23.94 12.45
CA GLY B 326 -29.59 23.47 13.79
C GLY B 326 -28.57 24.02 14.81
N LEU B 327 -27.32 24.23 14.36
CA LEU B 327 -26.26 24.76 15.20
C LEU B 327 -26.43 26.28 15.35
N ASP B 328 -26.87 26.92 14.29
CA ASP B 328 -27.20 28.33 14.29
C ASP B 328 -28.23 28.55 15.41
N GLU B 329 -29.26 27.71 15.45
CA GLU B 329 -30.30 27.78 16.48
C GLU B 329 -29.74 27.71 17.87
N LEU B 330 -28.75 26.86 18.06
CA LEU B 330 -28.12 26.64 19.34
C LEU B 330 -27.00 27.62 19.62
N GLU B 331 -26.70 28.50 18.69
CA GLU B 331 -25.64 29.45 18.84
C GLU B 331 -24.27 28.76 19.03
N VAL B 332 -24.09 27.70 18.27
CA VAL B 332 -22.85 26.97 18.23
C VAL B 332 -22.15 27.38 16.96
N PRO B 333 -20.94 28.01 17.15
CA PRO B 333 -20.27 28.42 15.91
C PRO B 333 -19.78 27.24 15.07
N TRP B 334 -19.82 27.40 13.77
CA TRP B 334 -19.35 26.39 12.83
C TRP B 334 -18.53 27.09 11.79
N TYR B 335 -17.59 26.39 11.21
CA TYR B 335 -16.64 26.94 10.29
C TYR B 335 -16.87 26.59 8.83
N GLY B 336 -16.11 27.21 7.98
CA GLY B 336 -16.22 26.98 6.55
C GLY B 336 -17.28 27.88 5.91
N PRO B 337 -17.47 27.75 4.61
CA PRO B 337 -18.39 28.63 3.88
C PRO B 337 -19.82 28.68 4.37
N ARG B 338 -20.38 29.87 4.43
CA ARG B 338 -21.74 30.02 4.82
C ARG B 338 -22.57 29.76 3.58
N ASN B 339 -22.01 29.98 2.41
CA ASN B 339 -22.65 29.68 1.18
C ASN B 339 -22.55 28.16 0.94
N LEU B 340 -23.62 27.44 1.22
CA LEU B 340 -23.68 25.99 1.13
C LEU B 340 -23.41 25.33 -0.21
N LYS B 341 -23.44 26.08 -1.29
CA LYS B 341 -23.15 25.51 -2.59
C LYS B 341 -21.65 25.28 -2.68
N LYS B 342 -20.90 25.92 -1.81
CA LYS B 342 -19.44 25.75 -1.74
C LYS B 342 -18.99 24.96 -0.48
N HIS B 343 -19.92 24.29 0.17
CA HIS B 343 -19.70 23.64 1.45
C HIS B 343 -20.03 22.14 1.25
N ALA B 344 -18.98 21.31 1.35
CA ALA B 344 -19.13 19.86 1.25
C ALA B 344 -19.76 19.21 2.49
N GLY B 345 -19.79 17.87 2.52
CA GLY B 345 -20.41 17.09 3.59
C GLY B 345 -19.56 17.02 4.88
N VAL B 346 -19.03 18.16 5.28
CA VAL B 346 -18.15 18.33 6.42
C VAL B 346 -18.51 19.58 7.21
N VAL B 347 -18.85 19.41 8.45
CA VAL B 347 -19.18 20.52 9.29
C VAL B 347 -18.29 20.54 10.53
N SER B 348 -17.34 21.46 10.55
CA SER B 348 -16.49 21.66 11.69
C SER B 348 -17.16 22.71 12.61
N PHE B 349 -17.03 22.53 13.89
CA PHE B 349 -17.65 23.40 14.88
C PHE B 349 -16.89 23.36 16.23
N ASN B 350 -17.35 24.23 17.15
CA ASN B 350 -16.91 24.24 18.54
C ASN B 350 -18.03 24.65 19.46
N VAL B 351 -18.10 24.05 20.63
CA VAL B 351 -19.04 24.45 21.64
C VAL B 351 -18.28 25.44 22.57
N PRO B 352 -18.69 26.73 22.60
CA PRO B 352 -17.90 27.70 23.39
C PRO B 352 -17.76 27.23 24.86
N GLY B 353 -16.58 27.36 25.43
CA GLY B 353 -16.31 26.84 26.79
C GLY B 353 -16.09 25.34 26.96
N LEU B 354 -15.81 24.61 25.87
CA LEU B 354 -15.64 23.13 25.96
C LEU B 354 -14.62 22.71 24.93
N HIS B 355 -13.57 22.02 25.32
CA HIS B 355 -12.54 21.62 24.41
C HIS B 355 -13.18 20.61 23.41
N PRO B 356 -12.74 20.62 22.11
CA PRO B 356 -13.34 19.68 21.16
C PRO B 356 -13.28 18.20 21.51
N HIS B 357 -12.16 17.72 22.11
CA HIS B 357 -12.12 16.31 22.57
C HIS B 357 -13.23 15.99 23.56
N ASP B 358 -13.60 16.95 24.38
CA ASP B 358 -14.67 16.66 25.34
C ASP B 358 -16.03 16.51 24.64
N VAL B 359 -16.28 17.39 23.69
CA VAL B 359 -17.52 17.30 22.87
C VAL B 359 -17.57 15.95 22.17
N ALA B 360 -16.44 15.54 21.57
CA ALA B 360 -16.37 14.24 20.90
C ALA B 360 -16.66 13.09 21.83
N ALA B 361 -16.08 13.12 23.04
CA ALA B 361 -16.33 12.10 24.05
C ALA B 361 -17.75 11.99 24.46
N ILE B 362 -18.38 13.12 24.74
CA ILE B 362 -19.81 13.10 25.06
C ILE B 362 -20.66 12.53 23.94
N LEU B 363 -20.35 12.95 22.72
CA LEU B 363 -21.05 12.46 21.54
C LEU B 363 -20.85 10.95 21.43
N ASP B 364 -19.64 10.50 21.68
CA ASP B 364 -19.33 9.09 21.65
C ASP B 364 -20.18 8.34 22.64
N ASP B 365 -20.45 8.94 23.80
CA ASP B 365 -21.30 8.33 24.79
C ASP B 365 -22.70 8.07 24.26
N HIS B 366 -23.12 8.93 23.36
CA HIS B 366 -24.44 8.79 22.76
C HIS B 366 -24.40 8.02 21.44
N SER B 367 -23.33 7.31 21.21
CA SER B 367 -23.12 6.58 19.96
C SER B 367 -23.06 7.36 18.69
N ILE B 368 -22.61 8.59 18.76
CA ILE B 368 -22.38 9.41 17.67
C ILE B 368 -20.87 9.55 17.50
N MET B 369 -20.38 9.12 16.37
CA MET B 369 -18.94 9.19 16.09
C MET B 369 -18.56 10.43 15.35
N VAL B 370 -17.66 11.25 15.92
CA VAL B 370 -17.17 12.46 15.30
C VAL B 370 -15.70 12.57 15.65
N ARG B 371 -14.95 13.39 14.91
CA ARG B 371 -13.55 13.59 15.21
C ARG B 371 -13.30 14.95 15.78
N SER B 372 -12.23 15.04 16.56
CA SER B 372 -11.84 16.29 17.17
C SER B 372 -10.37 16.48 16.97
N GLY B 373 -9.95 17.71 16.98
CA GLY B 373 -8.55 18.06 16.93
C GLY B 373 -8.20 18.92 15.76
N HIS B 374 -6.96 18.84 15.30
CA HIS B 374 -6.52 19.67 14.20
C HIS B 374 -6.80 19.12 12.81
N HIS B 375 -7.26 17.90 12.73
CA HIS B 375 -7.52 17.25 11.46
C HIS B 375 -6.39 17.24 10.42
N CSS B 376 -5.17 17.10 10.87
CA CSS B 376 -4.00 17.08 10.02
CB CSS B 376 -3.87 15.72 9.29
SG CSS B 376 -3.43 14.38 10.34
SD CSS B 376 -1.43 14.85 10.97
C CSS B 376 -3.96 18.34 9.13
O CSS B 376 -3.49 18.32 8.03
N ALA B 377 -4.45 19.42 9.70
CA ALA B 377 -4.49 20.70 9.06
C ALA B 377 -4.16 21.80 10.04
N LEU B 378 -2.97 21.73 10.62
CA LEU B 378 -2.52 22.70 11.61
C LEU B 378 -2.54 24.15 11.11
N PRO B 379 -2.03 24.35 9.85
CA PRO B 379 -2.10 25.73 9.36
C PRO B 379 -3.53 26.35 9.34
N VAL B 380 -4.58 25.58 9.12
CA VAL B 380 -5.95 26.05 9.16
C VAL B 380 -6.26 26.51 10.56
N MET B 381 -5.93 25.66 11.54
CA MET B 381 -6.18 25.96 12.93
C MET B 381 -5.38 27.23 13.36
N LYS B 382 -4.13 27.35 12.96
CA LYS B 382 -3.33 28.49 13.35
C LYS B 382 -3.88 29.77 12.67
N LYS B 383 -4.30 29.65 11.41
CA LYS B 383 -4.89 30.79 10.69
C LYS B 383 -6.17 31.26 11.37
N LEU B 384 -6.98 30.33 11.83
CA LEU B 384 -8.24 30.69 12.48
C LEU B 384 -8.10 31.09 13.93
N GLY B 385 -6.92 30.87 14.52
CA GLY B 385 -6.64 31.19 15.93
C GLY B 385 -7.30 30.25 16.89
N ILE B 386 -7.43 28.97 16.53
CA ILE B 386 -8.05 27.98 17.36
C ILE B 386 -7.21 26.72 17.52
N ASN B 387 -7.48 25.96 18.56
CA ASN B 387 -6.75 24.73 18.83
C ASN B 387 -7.15 23.55 17.97
N GLY B 388 -8.41 23.48 17.60
CA GLY B 388 -8.94 22.43 16.79
C GLY B 388 -10.43 22.62 16.74
N THR B 389 -11.12 21.60 16.24
CA THR B 389 -12.57 21.61 16.11
C THR B 389 -13.17 20.22 16.27
N VAL B 390 -14.47 20.17 16.45
CA VAL B 390 -15.21 18.94 16.48
C VAL B 390 -15.66 18.86 15.01
N ARG B 391 -15.66 17.70 14.41
CA ARG B 391 -16.02 17.61 13.01
C ARG B 391 -16.97 16.49 12.70
N ALA B 392 -18.14 16.83 12.19
CA ALA B 392 -19.14 15.87 11.77
C ALA B 392 -19.07 15.85 10.26
N SER B 393 -19.03 14.67 9.68
CA SER B 393 -18.92 14.53 8.26
C SER B 393 -19.73 13.36 7.83
N PHE B 394 -20.32 13.51 6.66
CA PHE B 394 -21.28 12.58 6.16
C PHE B 394 -21.00 11.85 4.86
N HIS B 395 -21.83 10.86 4.65
CA HIS B 395 -21.92 10.15 3.43
C HIS B 395 -23.41 9.91 3.16
N VAL B 396 -23.69 9.39 2.00
CA VAL B 396 -25.06 9.14 1.57
C VAL B 396 -25.88 8.24 2.48
N TYR B 397 -25.24 7.42 3.30
CA TYR B 397 -25.99 6.55 4.19
C TYR B 397 -26.39 7.23 5.49
N ASN B 398 -25.92 8.44 5.73
CA ASN B 398 -26.33 9.11 6.90
C ASN B 398 -27.74 9.73 6.67
N SER B 399 -28.56 9.81 7.72
CA SER B 399 -29.95 10.34 7.56
C SER B 399 -30.26 11.62 8.31
N LEU B 400 -31.35 12.27 7.88
CA LEU B 400 -31.78 13.39 8.64
C LEU B 400 -32.21 12.98 10.07
N GLU B 401 -32.72 11.76 10.29
CA GLU B 401 -33.08 11.36 11.63
C GLU B 401 -31.82 11.39 12.52
N GLU B 402 -30.72 10.87 11.98
CA GLU B 402 -29.44 10.98 12.72
C GLU B 402 -29.03 12.38 13.04
N VAL B 403 -29.22 13.29 12.11
CA VAL B 403 -28.85 14.68 12.35
C VAL B 403 -29.72 15.25 13.47
N GLU B 404 -31.00 14.86 13.49
CA GLU B 404 -31.89 15.33 14.53
C GLU B 404 -31.45 14.75 15.87
N THR B 405 -31.09 13.47 15.93
CA THR B 405 -30.58 12.91 17.18
C THR B 405 -29.34 13.61 17.72
N PHE B 406 -28.46 13.94 16.80
CA PHE B 406 -27.24 14.74 17.04
C PHE B 406 -27.59 16.08 17.57
N LEU B 407 -28.51 16.77 16.89
CA LEU B 407 -28.88 18.11 17.33
C LEU B 407 -29.51 18.10 18.71
N GLY B 408 -30.20 17.02 19.00
CA GLY B 408 -30.82 16.76 20.30
C GLY B 408 -29.80 16.63 21.41
N VAL B 409 -28.73 15.89 21.11
CA VAL B 409 -27.66 15.74 22.08
C VAL B 409 -26.93 17.05 22.24
N MET B 410 -26.69 17.79 21.15
CA MET B 410 -26.01 19.09 21.21
C MET B 410 -26.82 20.13 22.00
N GLU B 411 -28.15 20.08 21.86
CA GLU B 411 -29.02 20.99 22.59
C GLU B 411 -28.90 20.76 24.11
N GLU B 412 -29.05 19.52 24.57
CA GLU B 412 -28.90 19.14 25.95
C GLU B 412 -27.54 19.59 26.50
N LEU B 413 -26.52 19.44 25.67
CA LEU B 413 -25.16 19.77 26.04
C LEU B 413 -25.02 21.26 26.24
N VAL B 414 -25.45 22.03 25.27
CA VAL B 414 -25.40 23.47 25.32
C VAL B 414 -26.24 23.97 26.48
N LYS B 415 -27.34 23.30 26.74
CA LYS B 415 -28.25 23.64 27.82
C LYS B 415 -27.57 23.53 29.17
N GLY B 416 -26.62 22.61 29.31
CA GLY B 416 -25.82 22.48 30.54
C GLY B 416 -24.95 23.71 30.43
N LEU B 417 -25.65 24.84 30.53
CA LEU B 417 -25.13 26.17 30.37
C LEU B 417 -23.75 26.28 30.89
N CYS C . -8.02 -4.35 3.47
CA CYS C . -7.25 -5.33 2.68
C CYS C . -6.16 -4.64 1.89
O CYS C . -6.42 -3.66 1.12
CB CYS C . -8.09 -6.12 1.68
SG CYS C . -7.03 -6.64 0.30
OXT CYS C . -5.02 -5.14 2.04
C1 IPA D . 7.10 -12.45 -7.98
C2 IPA D . 7.19 -13.98 -8.03
C3 IPA D . 6.52 -14.49 -9.28
O2 IPA D . 8.54 -14.49 -8.03
#